data_6EJE
#
_entry.id   6EJE
#
_cell.length_a   67.280
_cell.length_b   86.720
_cell.length_c   153.470
_cell.angle_alpha   90.000
_cell.angle_beta   90.000
_cell.angle_gamma   90.000
#
_symmetry.space_group_name_H-M   'P 21 21 21'
#
loop_
_entity.id
_entity.type
_entity.pdbx_description
1 polymer 'Xylosyltransferase 1'
2 polymer Syndecan-1
3 non-polymer 'PHOSPHATE ION'
4 non-polymer 'SODIUM ION'
5 water water
#
loop_
_entity_poly.entity_id
_entity_poly.type
_entity_poly.pdbx_seq_one_letter_code
_entity_poly.pdbx_strand_id
1 'polypeptide(L)'
;APLVHHHHHHALDENLYFQGALADVSRPPHARKTGGSSPETKYDQPPKCDISGKEAISALSRAKSKHCRQEIGETYCRHK
LGLLMPEKVTRFCPLEGKANKNVQWDEDSVEYMPANPVRIAFVLVVHGRASRQLQRMFKAIYHKDHFYYIHVDKRSNYLH
RQVLQVSRQYSNVRVTPWRMATIWGGASLLSTYLQSMRDLLEMTDWPWDFFINLSAADYPIRTNDQLVAFLSRYRDMNFL
KSHGRDNARFIRKQGLDRLFLECDAHMWRLGDRRIPEGIAVDGGSDWFLLNRRFVEYVTFSTDDLVTKMKQFYSYTLLPA
ESFFHTVLENSPHCDTMVDNNLRITNWNRKLGCKCQYKHIVDWCGCSPNDFKPQDFHRFQQTARPTFFARKFEAVVNQEI
IGQLDYYLYGNYPAGTPGLRSYWENVYDEPDGIHSLSDVTLTLYHSFARLGLRRAETSLHTDGENSCRYYPMGHPASVHL
YFLADRFQGFLIKHHATNLAVSKLETLETWVMPKKVFKIASPPSDFGRLQFSEVGTDWDAKERLFRNFGGLLGPMDEPVG
MQKWGKGPNVTVTVIWVDPVNVIAATYDILIESTAEFTHYKPPLNLPLRPGVWTVKILHHWVPVAETKFLVAPLTFSNRQ
PIKPEEALKLHNGPLRNAYMEQSFQSLNPVLSLPINPAQVEQARRNAASTGTALEGWLDSLVGGMWTAMDICATGPTACP
VMQTCSQTAWSSFSPDPKSELGAVKPDGRLR
;
A
2 'polypeptide(L)' PAAEGSGEQDFT B
#
loop_
_chem_comp.id
_chem_comp.type
_chem_comp.name
_chem_comp.formula
NA non-polymer 'SODIUM ION' 'Na 1'
PO4 non-polymer 'PHOSPHATE ION' 'O4 P -3'
#
# COMPACT_ATOMS: atom_id res chain seq x y z
N GLN A 45 5.54 6.75 -36.84
CA GLN A 45 4.79 6.52 -38.07
C GLN A 45 3.33 6.93 -37.90
N PRO A 46 2.66 7.24 -39.01
CA PRO A 46 1.26 7.67 -38.93
C PRO A 46 0.32 6.49 -38.73
N PRO A 47 -0.92 6.75 -38.33
CA PRO A 47 -1.85 5.64 -38.05
C PRO A 47 -2.46 5.08 -39.32
N LYS A 48 -3.17 3.96 -39.16
CA LYS A 48 -3.85 3.31 -40.27
C LYS A 48 -5.19 3.95 -40.61
N CYS A 49 -5.67 4.89 -39.79
CA CYS A 49 -6.91 5.60 -40.07
C CYS A 49 -6.86 6.97 -39.39
N ASP A 50 -7.69 7.88 -39.87
CA ASP A 50 -7.81 9.19 -39.24
C ASP A 50 -8.35 9.03 -37.82
N ILE A 51 -7.70 9.69 -36.87
CA ILE A 51 -8.06 9.62 -35.45
C ILE A 51 -8.60 10.97 -35.05
N SER A 52 -9.91 11.04 -34.79
CA SER A 52 -10.58 12.29 -34.45
C SER A 52 -11.24 12.29 -33.08
N GLY A 53 -11.41 11.13 -32.44
CA GLY A 53 -12.03 11.08 -31.13
C GLY A 53 -11.25 11.84 -30.08
N LYS A 54 -11.93 12.70 -29.32
CA LYS A 54 -11.25 13.53 -28.32
C LYS A 54 -10.49 12.68 -27.31
N GLU A 55 -11.10 11.59 -26.83
CA GLU A 55 -10.46 10.77 -25.81
C GLU A 55 -9.21 10.10 -26.35
N ALA A 56 -9.29 9.53 -27.56
CA ALA A 56 -8.14 8.83 -28.13
C ALA A 56 -6.99 9.79 -28.40
N ILE A 57 -7.29 10.98 -28.89
CA ILE A 57 -6.25 11.98 -29.12
C ILE A 57 -5.59 12.36 -27.80
N SER A 58 -6.38 12.46 -26.73
CA SER A 58 -5.81 12.79 -25.43
C SER A 58 -4.85 11.70 -24.96
N ALA A 59 -5.17 10.44 -25.24
CA ALA A 59 -4.30 9.34 -24.83
C ALA A 59 -3.01 9.33 -25.64
N LEU A 60 -3.12 9.44 -26.96
CA LEU A 60 -1.93 9.54 -27.80
C LEU A 60 -1.05 10.70 -27.37
N SER A 61 -1.67 11.80 -26.89
CA SER A 61 -0.90 12.95 -26.42
C SER A 61 -0.14 12.64 -25.14
N ARG A 62 -0.69 11.80 -24.27
CA ARG A 62 -0.10 11.54 -22.97
C ARG A 62 0.78 10.28 -22.94
N ALA A 63 0.61 9.36 -23.88
CA ALA A 63 1.39 8.14 -23.90
C ALA A 63 2.87 8.46 -24.15
N LYS A 64 3.74 7.76 -23.43
CA LYS A 64 5.17 8.05 -23.48
C LYS A 64 5.90 7.20 -24.52
N SER A 65 5.62 5.91 -24.58
CA SER A 65 6.38 4.99 -25.42
C SER A 65 5.80 4.95 -26.83
N LYS A 66 6.68 4.67 -27.80
CA LYS A 66 6.23 4.44 -29.17
C LYS A 66 5.34 3.22 -29.26
N HIS A 67 5.70 2.15 -28.55
CA HIS A 67 4.88 0.94 -28.53
C HIS A 67 3.46 1.24 -28.12
N CYS A 68 3.28 2.07 -27.08
CA CYS A 68 1.93 2.37 -26.60
C CYS A 68 1.17 3.25 -27.57
N ARG A 69 1.86 4.16 -28.26
CA ARG A 69 1.17 5.00 -29.24
C ARG A 69 0.56 4.16 -30.35
N GLN A 70 1.29 3.15 -30.84
CA GLN A 70 0.79 2.35 -31.95
C GLN A 70 -0.38 1.47 -31.52
N GLU A 71 -0.29 0.87 -30.33
CA GLU A 71 -1.37 0.02 -29.84
C GLU A 71 -2.65 0.82 -29.63
N ILE A 72 -2.54 2.08 -29.22
CA ILE A 72 -3.71 2.93 -29.08
C ILE A 72 -4.36 3.15 -30.45
N GLY A 73 -3.56 3.52 -31.45
CA GLY A 73 -4.11 3.75 -32.77
C GLY A 73 -4.72 2.50 -33.38
N GLU A 74 -4.04 1.36 -33.24
CA GLU A 74 -4.55 0.12 -33.81
C GLU A 74 -5.90 -0.26 -33.22
N THR A 75 -6.00 -0.20 -31.89
CA THR A 75 -7.28 -0.51 -31.23
C THR A 75 -8.38 0.45 -31.67
N TYR A 76 -8.07 1.75 -31.72
CA TYR A 76 -9.06 2.74 -32.12
C TYR A 76 -9.55 2.48 -33.55
N CYS A 77 -8.63 2.25 -34.47
CA CYS A 77 -9.03 2.08 -35.87
C CYS A 77 -9.77 0.77 -36.07
N ARG A 78 -9.36 -0.30 -35.37
CA ARG A 78 -10.10 -1.55 -35.43
C ARG A 78 -11.53 -1.36 -34.93
N HIS A 79 -11.70 -0.58 -33.85
CA HIS A 79 -13.04 -0.27 -33.36
C HIS A 79 -13.77 0.69 -34.28
N LYS A 80 -13.02 1.58 -34.94
CA LYS A 80 -13.63 2.50 -35.91
C LYS A 80 -14.36 1.73 -37.01
N LEU A 81 -13.72 0.69 -37.54
CA LEU A 81 -14.33 -0.14 -38.57
C LEU A 81 -15.35 -1.12 -38.02
N GLY A 82 -15.48 -1.22 -36.70
CA GLY A 82 -16.51 -2.03 -36.10
C GLY A 82 -16.24 -3.52 -36.08
N LEU A 83 -14.97 -3.92 -36.06
CA LEU A 83 -14.64 -5.34 -35.99
C LEU A 83 -13.69 -5.63 -34.82
N LEU A 84 -13.82 -4.87 -33.73
CA LEU A 84 -13.15 -5.16 -32.48
C LEU A 84 -14.10 -5.70 -31.42
N MET A 85 -15.28 -5.08 -31.27
CA MET A 85 -16.24 -5.43 -30.23
C MET A 85 -17.45 -6.18 -30.80
N PRO A 86 -17.94 -7.20 -30.11
CA PRO A 86 -19.17 -7.87 -30.57
C PRO A 86 -20.39 -7.01 -30.28
N GLU A 87 -21.38 -7.12 -31.17
CA GLU A 87 -22.61 -6.36 -31.04
C GLU A 87 -23.83 -7.20 -30.66
N LYS A 88 -23.78 -8.51 -30.89
CA LYS A 88 -24.84 -9.41 -30.46
C LYS A 88 -24.22 -10.68 -29.92
N VAL A 89 -24.84 -11.23 -28.88
CA VAL A 89 -24.32 -12.41 -28.20
C VAL A 89 -25.48 -13.33 -27.86
N THR A 90 -25.25 -14.64 -27.95
CA THR A 90 -26.26 -15.63 -27.63
C THR A 90 -26.37 -15.82 -26.12
N ARG A 91 -27.59 -16.02 -25.65
CA ARG A 91 -27.88 -16.34 -24.26
C ARG A 91 -28.34 -17.78 -24.17
N PHE A 92 -27.69 -18.56 -23.30
CA PHE A 92 -27.98 -19.98 -23.15
C PHE A 92 -28.77 -20.32 -21.90
N CYS A 93 -29.12 -19.34 -21.09
CA CYS A 93 -29.83 -19.61 -19.83
C CYS A 93 -31.32 -19.79 -20.10
N PRO A 94 -31.94 -20.87 -19.59
CA PRO A 94 -33.38 -21.06 -19.83
C PRO A 94 -34.27 -20.18 -18.95
N LEU A 95 -33.73 -19.62 -17.87
CA LEU A 95 -34.52 -18.77 -17.00
C LEU A 95 -34.83 -17.43 -17.67
N GLU A 96 -36.01 -16.89 -17.39
CA GLU A 96 -36.37 -15.58 -17.91
C GLU A 96 -35.65 -14.45 -17.18
N GLY A 97 -35.18 -14.70 -15.96
CA GLY A 97 -34.46 -13.70 -15.19
C GLY A 97 -33.23 -14.26 -14.51
N LYS A 98 -33.10 -14.01 -13.21
CA LYS A 98 -31.98 -14.48 -12.41
C LYS A 98 -32.46 -15.56 -11.45
N ALA A 99 -31.52 -16.15 -10.71
CA ALA A 99 -31.82 -17.25 -9.81
C ALA A 99 -31.89 -16.78 -8.36
N ASN A 100 -30.74 -16.66 -7.71
CA ASN A 100 -30.65 -16.30 -6.30
C ASN A 100 -31.27 -17.40 -5.43
N LYS A 101 -30.57 -18.53 -5.39
CA LYS A 101 -30.96 -19.68 -4.59
C LYS A 101 -30.26 -19.59 -3.24
N ASN A 102 -31.00 -19.25 -2.20
CA ASN A 102 -30.43 -19.07 -0.87
C ASN A 102 -30.04 -20.41 -0.26
N SER A 109 -26.02 -25.48 11.68
CA SER A 109 -25.99 -25.60 10.23
C SER A 109 -24.62 -26.05 9.75
N VAL A 110 -23.57 -25.35 10.19
CA VAL A 110 -22.20 -25.64 9.75
C VAL A 110 -21.41 -26.22 10.91
N GLU A 111 -22.09 -26.97 11.78
CA GLU A 111 -21.45 -27.63 12.91
C GLU A 111 -21.30 -29.13 12.69
N TYR A 112 -21.71 -29.65 11.53
CA TYR A 112 -21.67 -31.07 11.25
C TYR A 112 -20.34 -31.46 10.61
N MET A 113 -20.08 -32.77 10.59
CA MET A 113 -18.84 -33.30 10.01
C MET A 113 -19.12 -33.97 8.68
N PRO A 114 -18.61 -33.45 7.56
CA PRO A 114 -18.91 -34.06 6.27
C PRO A 114 -18.08 -35.31 6.00
N ALA A 115 -18.70 -36.25 5.28
CA ALA A 115 -18.01 -37.47 4.90
C ALA A 115 -17.11 -37.27 3.69
N ASN A 116 -17.44 -36.32 2.82
CA ASN A 116 -16.67 -36.04 1.60
C ASN A 116 -16.34 -34.56 1.56
N PRO A 117 -15.47 -34.09 2.46
CA PRO A 117 -15.17 -32.66 2.52
C PRO A 117 -14.53 -32.15 1.24
N VAL A 118 -14.92 -30.93 0.85
CA VAL A 118 -14.36 -30.31 -0.35
C VAL A 118 -12.92 -29.89 -0.08
N ARG A 119 -12.12 -29.86 -1.15
CA ARG A 119 -10.75 -29.38 -1.11
C ARG A 119 -10.66 -28.11 -1.94
N ILE A 120 -10.13 -27.04 -1.33
CA ILE A 120 -10.21 -25.69 -1.86
C ILE A 120 -8.88 -25.32 -2.51
N ALA A 121 -8.96 -24.63 -3.65
CA ALA A 121 -7.82 -23.99 -4.28
C ALA A 121 -7.88 -22.50 -3.95
N PHE A 122 -6.98 -22.04 -3.10
CA PHE A 122 -6.85 -20.62 -2.78
C PHE A 122 -5.89 -19.98 -3.78
N VAL A 123 -6.35 -18.95 -4.47
CA VAL A 123 -5.51 -18.16 -5.38
C VAL A 123 -5.26 -16.82 -4.72
N LEU A 124 -4.02 -16.58 -4.33
CA LEU A 124 -3.66 -15.36 -3.61
C LEU A 124 -2.97 -14.41 -4.59
N VAL A 125 -3.60 -13.27 -4.85
CA VAL A 125 -3.04 -12.22 -5.70
C VAL A 125 -2.57 -11.11 -4.79
N VAL A 126 -1.25 -10.98 -4.61
CA VAL A 126 -0.68 -10.14 -3.57
C VAL A 126 0.28 -9.13 -4.18
N HIS A 127 0.42 -8.00 -3.48
CA HIS A 127 1.39 -6.97 -3.81
C HIS A 127 1.75 -6.23 -2.53
N GLY A 128 2.87 -5.51 -2.57
CA GLY A 128 3.28 -4.64 -1.48
C GLY A 128 4.46 -5.19 -0.71
N ARG A 129 4.55 -4.77 0.55
CA ARG A 129 5.66 -5.08 1.43
C ARG A 129 5.27 -5.87 2.67
N ALA A 130 3.99 -6.18 2.87
CA ALA A 130 3.50 -6.70 4.15
C ALA A 130 3.63 -8.22 4.22
N SER A 131 4.88 -8.69 4.09
CA SER A 131 5.12 -10.12 4.07
C SER A 131 4.68 -10.80 5.36
N ARG A 132 4.90 -10.14 6.51
CA ARG A 132 4.62 -10.79 7.79
C ARG A 132 3.12 -10.89 8.04
N GLN A 133 2.35 -9.87 7.68
CA GLN A 133 0.90 -10.00 7.79
C GLN A 133 0.36 -11.06 6.84
N LEU A 134 0.93 -11.16 5.64
CA LEU A 134 0.51 -12.22 4.71
C LEU A 134 0.81 -13.59 5.29
N GLN A 135 1.98 -13.75 5.90
CA GLN A 135 2.31 -15.03 6.53
C GLN A 135 1.35 -15.36 7.66
N ARG A 136 0.89 -14.34 8.38
CA ARG A 136 -0.06 -14.57 9.48
C ARG A 136 -1.41 -15.05 8.95
N MET A 137 -1.91 -14.42 7.89
CA MET A 137 -3.19 -14.86 7.32
C MET A 137 -3.05 -16.24 6.68
N PHE A 138 -1.95 -16.48 5.98
CA PHE A 138 -1.71 -17.81 5.41
C PHE A 138 -1.72 -18.88 6.50
N LYS A 139 -1.20 -18.54 7.68
CA LYS A 139 -1.22 -19.48 8.79
C LYS A 139 -2.64 -19.75 9.28
N ALA A 140 -3.52 -18.76 9.20
CA ALA A 140 -4.89 -18.91 9.68
C ALA A 140 -5.75 -19.73 8.72
N ILE A 141 -5.47 -19.70 7.42
CA ILE A 141 -6.28 -20.41 6.44
C ILE A 141 -5.66 -21.72 5.98
N TYR A 142 -4.46 -22.05 6.43
CA TYR A 142 -3.77 -23.21 5.89
C TYR A 142 -4.38 -24.51 6.42
N HIS A 143 -4.55 -25.47 5.50
CA HIS A 143 -4.81 -26.85 5.87
C HIS A 143 -4.19 -27.75 4.82
N LYS A 144 -3.57 -28.85 5.27
CA LYS A 144 -2.79 -29.70 4.37
C LYS A 144 -3.62 -30.26 3.22
N ASP A 145 -4.94 -30.28 3.34
CA ASP A 145 -5.81 -30.83 2.30
C ASP A 145 -6.22 -29.80 1.26
N HIS A 146 -5.86 -28.54 1.42
CA HIS A 146 -6.20 -27.50 0.46
C HIS A 146 -4.99 -27.23 -0.44
N PHE A 147 -5.12 -26.20 -1.29
CA PHE A 147 -4.09 -25.85 -2.26
C PHE A 147 -3.97 -24.34 -2.32
N TYR A 148 -2.75 -23.86 -2.56
CA TYR A 148 -2.47 -22.43 -2.49
C TYR A 148 -1.57 -22.05 -3.67
N TYR A 149 -2.11 -21.22 -4.57
CA TYR A 149 -1.42 -20.75 -5.77
C TYR A 149 -1.30 -19.23 -5.67
N ILE A 150 -0.07 -18.73 -5.59
CA ILE A 150 0.19 -17.34 -5.21
C ILE A 150 0.78 -16.59 -6.40
N HIS A 151 0.10 -15.52 -6.81
CA HIS A 151 0.59 -14.62 -7.85
C HIS A 151 1.07 -13.33 -7.21
N VAL A 152 2.33 -12.99 -7.45
CA VAL A 152 2.95 -11.80 -6.86
C VAL A 152 3.17 -10.78 -7.95
N ASP A 153 2.68 -9.55 -7.73
CA ASP A 153 2.84 -8.47 -8.70
C ASP A 153 4.28 -8.37 -9.17
N LYS A 154 4.45 -8.18 -10.48
CA LYS A 154 5.78 -8.12 -11.07
C LYS A 154 6.65 -7.06 -10.42
N ARG A 155 6.04 -6.03 -9.83
CA ARG A 155 6.76 -4.90 -9.26
C ARG A 155 7.06 -5.07 -7.78
N SER A 156 6.74 -6.21 -7.18
CA SER A 156 6.91 -6.45 -5.76
C SER A 156 7.92 -7.59 -5.55
N ASN A 157 9.17 -7.33 -5.90
CA ASN A 157 10.18 -8.38 -5.89
C ASN A 157 10.51 -8.83 -4.47
N TYR A 158 10.59 -7.90 -3.52
CA TYR A 158 10.85 -8.30 -2.14
C TYR A 158 9.81 -9.31 -1.66
N LEU A 159 8.53 -9.02 -1.91
CA LEU A 159 7.47 -9.93 -1.48
C LEU A 159 7.60 -11.27 -2.18
N HIS A 160 8.01 -11.27 -3.46
CA HIS A 160 8.14 -12.52 -4.19
C HIS A 160 9.22 -13.40 -3.58
N ARG A 161 10.33 -12.81 -3.12
CA ARG A 161 11.38 -13.61 -2.51
C ARG A 161 10.89 -14.25 -1.22
N GLN A 162 10.07 -13.54 -0.44
CA GLN A 162 9.53 -14.12 0.78
C GLN A 162 8.54 -15.24 0.47
N VAL A 163 7.74 -15.07 -0.58
CA VAL A 163 6.75 -16.10 -0.92
C VAL A 163 7.44 -17.37 -1.40
N LEU A 164 8.59 -17.25 -2.08
CA LEU A 164 9.30 -18.43 -2.53
C LEU A 164 9.76 -19.30 -1.37
N GLN A 165 10.08 -18.68 -0.22
CA GLN A 165 10.45 -19.47 0.95
C GLN A 165 9.28 -20.28 1.48
N VAL A 166 8.05 -19.78 1.31
CA VAL A 166 6.88 -20.55 1.72
C VAL A 166 6.64 -21.71 0.77
N SER A 167 6.65 -21.44 -0.55
CA SER A 167 6.35 -22.49 -1.52
C SER A 167 7.34 -23.64 -1.44
N ARG A 168 8.55 -23.40 -0.93
CA ARG A 168 9.55 -24.47 -0.82
C ARG A 168 9.33 -25.33 0.42
N GLN A 169 8.66 -24.80 1.45
CA GLN A 169 8.45 -25.57 2.68
C GLN A 169 7.31 -26.56 2.56
N TYR A 170 6.31 -26.27 1.74
CA TYR A 170 5.09 -27.06 1.68
C TYR A 170 4.81 -27.50 0.25
N SER A 171 4.39 -28.76 0.11
CA SER A 171 4.16 -29.34 -1.21
C SER A 171 2.86 -28.89 -1.83
N ASN A 172 1.89 -28.43 -1.03
CA ASN A 172 0.62 -27.94 -1.55
C ASN A 172 0.62 -26.43 -1.74
N VAL A 173 1.79 -25.80 -1.84
CA VAL A 173 1.92 -24.37 -2.06
C VAL A 173 2.81 -24.16 -3.27
N ARG A 174 2.30 -23.42 -4.27
CA ARG A 174 3.04 -23.13 -5.49
C ARG A 174 2.89 -21.65 -5.82
N VAL A 175 3.82 -21.14 -6.63
CA VAL A 175 3.80 -19.76 -7.08
C VAL A 175 3.71 -19.75 -8.60
N THR A 176 3.07 -18.72 -9.13
CA THR A 176 2.91 -18.60 -10.57
C THR A 176 4.25 -18.24 -11.20
N PRO A 177 4.70 -18.95 -12.25
CA PRO A 177 5.96 -18.56 -12.90
C PRO A 177 5.83 -17.27 -13.70
N TRP A 178 4.64 -16.99 -14.21
CA TRP A 178 4.34 -15.74 -14.88
C TRP A 178 3.86 -14.72 -13.86
N ARG A 179 4.21 -13.45 -14.07
CA ARG A 179 3.88 -12.38 -13.14
C ARG A 179 3.53 -11.13 -13.90
N MET A 180 2.39 -10.55 -13.58
CA MET A 180 1.87 -9.36 -14.25
C MET A 180 1.91 -8.17 -13.30
N ALA A 181 1.95 -6.98 -13.89
CA ALA A 181 1.81 -5.74 -13.13
C ALA A 181 0.33 -5.40 -13.06
N THR A 182 -0.33 -5.90 -12.02
CA THR A 182 -1.78 -5.75 -11.89
C THR A 182 -2.08 -4.41 -11.23
N ILE A 183 -2.31 -3.41 -12.07
CA ILE A 183 -2.70 -2.08 -11.61
C ILE A 183 -4.18 -2.10 -11.26
N TRP A 184 -4.57 -1.23 -10.34
CA TRP A 184 -5.97 -1.08 -9.97
C TRP A 184 -6.81 -0.82 -11.21
N GLY A 185 -7.89 -1.59 -11.37
CA GLY A 185 -8.78 -1.47 -12.50
C GLY A 185 -8.25 -2.03 -13.79
N GLY A 186 -6.98 -2.44 -13.84
CA GLY A 186 -6.42 -2.91 -15.08
C GLY A 186 -7.09 -4.18 -15.58
N ALA A 187 -7.15 -4.31 -16.91
CA ALA A 187 -7.69 -5.51 -17.51
C ALA A 187 -6.82 -6.73 -17.27
N SER A 188 -5.57 -6.54 -16.84
CA SER A 188 -4.67 -7.67 -16.58
C SER A 188 -5.13 -8.52 -15.40
N LEU A 189 -6.01 -8.02 -14.55
CA LEU A 189 -6.48 -8.84 -13.43
C LEU A 189 -7.33 -10.00 -13.90
N LEU A 190 -8.18 -9.80 -14.91
CA LEU A 190 -8.94 -10.90 -15.46
C LEU A 190 -8.02 -11.90 -16.16
N SER A 191 -7.01 -11.39 -16.88
CA SER A 191 -6.02 -12.28 -17.47
C SER A 191 -5.33 -13.11 -16.40
N THR A 192 -5.03 -12.50 -15.25
CA THR A 192 -4.42 -13.23 -14.15
C THR A 192 -5.33 -14.36 -13.67
N TYR A 193 -6.61 -14.06 -13.43
CA TYR A 193 -7.52 -15.08 -12.94
C TYR A 193 -7.73 -16.19 -13.97
N LEU A 194 -7.88 -15.83 -15.24
CA LEU A 194 -8.18 -16.84 -16.26
C LEU A 194 -6.98 -17.73 -16.52
N GLN A 195 -5.76 -17.18 -16.49
CA GLN A 195 -4.58 -18.01 -16.66
C GLN A 195 -4.38 -18.94 -15.47
N SER A 196 -4.62 -18.44 -14.25
CA SER A 196 -4.47 -19.29 -13.07
C SER A 196 -5.48 -20.42 -13.07
N MET A 197 -6.69 -20.18 -13.58
CA MET A 197 -7.69 -21.24 -13.66
C MET A 197 -7.25 -22.33 -14.64
N ARG A 198 -6.67 -21.94 -15.78
CA ARG A 198 -6.19 -22.92 -16.74
C ARG A 198 -5.05 -23.75 -16.13
N ASP A 199 -4.09 -23.10 -15.49
CA ASP A 199 -3.00 -23.82 -14.83
C ASP A 199 -3.55 -24.77 -13.77
N LEU A 200 -4.47 -24.29 -12.94
CA LEU A 200 -4.99 -25.12 -11.85
C LEU A 200 -5.76 -26.32 -12.38
N LEU A 201 -6.47 -26.16 -13.50
CA LEU A 201 -7.22 -27.28 -14.06
C LEU A 201 -6.30 -28.34 -14.66
N GLU A 202 -5.09 -27.96 -15.07
CA GLU A 202 -4.14 -28.91 -15.64
C GLU A 202 -3.27 -29.60 -14.58
N MET A 203 -3.23 -29.08 -13.36
CA MET A 203 -2.49 -29.73 -12.27
C MET A 203 -3.27 -30.97 -11.85
N THR A 204 -2.87 -32.13 -12.38
CA THR A 204 -3.60 -33.37 -12.14
C THR A 204 -3.55 -33.76 -10.67
N ASP A 205 -2.43 -33.50 -10.00
CA ASP A 205 -2.25 -33.93 -8.62
C ASP A 205 -3.02 -33.09 -7.61
N TRP A 206 -3.76 -32.06 -8.04
CA TRP A 206 -4.50 -31.17 -7.16
C TRP A 206 -6.00 -31.30 -7.44
N PRO A 207 -6.68 -32.28 -6.84
CA PRO A 207 -8.14 -32.43 -7.05
C PRO A 207 -8.99 -31.49 -6.19
N TRP A 208 -9.17 -30.27 -6.68
CA TRP A 208 -9.87 -29.23 -5.94
C TRP A 208 -11.31 -29.09 -6.44
N ASP A 209 -12.17 -28.59 -5.55
CA ASP A 209 -13.59 -28.46 -5.83
C ASP A 209 -14.07 -27.02 -5.86
N PHE A 210 -13.34 -26.08 -5.26
CA PHE A 210 -13.73 -24.67 -5.26
C PHE A 210 -12.52 -23.80 -5.52
N PHE A 211 -12.78 -22.63 -6.09
CA PHE A 211 -11.77 -21.61 -6.37
C PHE A 211 -12.10 -20.39 -5.52
N ILE A 212 -11.16 -19.95 -4.70
CA ILE A 212 -11.33 -18.78 -3.85
C ILE A 212 -10.14 -17.85 -4.05
N ASN A 213 -10.41 -16.57 -4.25
CA ASN A 213 -9.38 -15.57 -4.47
C ASN A 213 -9.26 -14.68 -3.23
N LEU A 214 -8.02 -14.33 -2.89
CA LEU A 214 -7.74 -13.55 -1.68
C LEU A 214 -6.54 -12.65 -1.92
N SER A 215 -6.56 -11.49 -1.27
CA SER A 215 -5.44 -10.56 -1.28
C SER A 215 -4.75 -10.60 0.08
N ALA A 216 -3.64 -9.87 0.18
CA ALA A 216 -2.93 -9.75 1.44
C ALA A 216 -3.66 -8.87 2.45
N ALA A 217 -4.81 -8.30 2.07
CA ALA A 217 -5.61 -7.49 2.98
C ALA A 217 -6.89 -8.18 3.42
N ASP A 218 -7.06 -9.47 3.09
CA ASP A 218 -8.19 -10.25 3.55
C ASP A 218 -7.84 -11.00 4.83
N TYR A 219 -8.87 -11.45 5.55
CA TYR A 219 -8.68 -12.29 6.71
C TYR A 219 -9.91 -13.16 6.92
N PRO A 220 -9.75 -14.42 7.33
CA PRO A 220 -10.93 -15.23 7.65
C PRO A 220 -11.60 -14.75 8.92
N ILE A 221 -12.93 -14.82 8.93
CA ILE A 221 -13.73 -14.54 10.12
C ILE A 221 -14.46 -15.77 10.62
N ARG A 222 -14.10 -16.95 10.12
CA ARG A 222 -14.62 -18.22 10.63
C ARG A 222 -13.58 -19.30 10.39
N THR A 223 -13.71 -20.39 11.15
CA THR A 223 -12.71 -21.44 11.12
C THR A 223 -12.74 -22.19 9.79
N ASN A 224 -11.61 -22.83 9.48
CA ASN A 224 -11.54 -23.66 8.29
C ASN A 224 -12.55 -24.79 8.35
N ASP A 225 -12.80 -25.33 9.54
CA ASP A 225 -13.74 -26.44 9.67
C ASP A 225 -15.15 -26.02 9.28
N GLN A 226 -15.56 -24.82 9.66
CA GLN A 226 -16.89 -24.34 9.30
C GLN A 226 -16.96 -24.02 7.80
N LEU A 227 -15.88 -23.46 7.25
CA LEU A 227 -15.84 -23.18 5.82
C LEU A 227 -16.01 -24.46 5.00
N VAL A 228 -15.31 -25.53 5.39
CA VAL A 228 -15.40 -26.79 4.66
C VAL A 228 -16.79 -27.40 4.81
N ALA A 229 -17.38 -27.27 6.01
CA ALA A 229 -18.71 -27.83 6.22
C ALA A 229 -19.74 -27.12 5.37
N PHE A 230 -19.65 -25.79 5.27
CA PHE A 230 -20.62 -25.03 4.49
C PHE A 230 -20.50 -25.33 3.01
N LEU A 231 -19.28 -25.29 2.47
CA LEU A 231 -19.10 -25.52 1.04
C LEU A 231 -19.37 -26.97 0.66
N SER A 232 -19.11 -27.91 1.58
CA SER A 232 -19.44 -29.30 1.31
C SER A 232 -20.95 -29.48 1.14
N ARG A 233 -21.74 -28.67 1.84
CA ARG A 233 -23.20 -28.74 1.74
C ARG A 233 -23.74 -28.07 0.48
N TYR A 234 -23.02 -27.14 -0.11
CA TYR A 234 -23.46 -26.40 -1.29
C TYR A 234 -22.40 -26.44 -2.39
N ARG A 235 -21.89 -27.64 -2.69
CA ARG A 235 -20.75 -27.76 -3.58
C ARG A 235 -21.11 -27.57 -5.05
N ASP A 236 -22.39 -27.42 -5.39
CA ASP A 236 -22.80 -27.15 -6.77
C ASP A 236 -23.22 -25.70 -6.98
N MET A 237 -22.97 -24.83 -6.01
CA MET A 237 -23.36 -23.43 -6.09
C MET A 237 -22.14 -22.56 -6.40
N ASN A 238 -22.40 -21.43 -7.05
CA ASN A 238 -21.41 -20.38 -7.26
C ASN A 238 -21.82 -19.15 -6.50
N PHE A 239 -20.86 -18.53 -5.82
CA PHE A 239 -21.12 -17.44 -4.88
C PHE A 239 -20.59 -16.13 -5.47
N LEU A 240 -21.50 -15.24 -5.85
CA LEU A 240 -21.17 -13.97 -6.48
C LEU A 240 -22.14 -12.91 -5.95
N LYS A 241 -21.59 -11.76 -5.55
CA LYS A 241 -22.40 -10.67 -5.02
C LYS A 241 -22.58 -9.60 -6.09
N SER A 242 -23.83 -9.21 -6.32
CA SER A 242 -24.15 -8.17 -7.29
C SER A 242 -24.20 -6.79 -6.61
N HIS A 243 -24.25 -5.75 -7.45
CA HIS A 243 -24.11 -4.39 -6.95
C HIS A 243 -25.22 -4.03 -5.97
N GLY A 244 -26.43 -4.51 -6.23
CA GLY A 244 -27.54 -4.25 -5.31
C GLY A 244 -28.16 -2.88 -5.44
N ARG A 245 -28.10 -2.28 -6.61
CA ARG A 245 -28.67 -0.96 -6.86
C ARG A 245 -29.23 -0.96 -8.27
N ASP A 246 -29.42 0.22 -8.85
CA ASP A 246 -29.95 0.33 -10.20
C ASP A 246 -28.92 -0.16 -11.21
N ASN A 247 -29.38 -0.96 -12.16
CA ASN A 247 -28.45 -1.60 -13.10
C ASN A 247 -27.97 -0.64 -14.18
N ALA A 248 -28.86 0.23 -14.67
CA ALA A 248 -28.44 1.18 -15.70
C ALA A 248 -27.36 2.12 -15.16
N ARG A 249 -27.56 2.65 -13.94
CA ARG A 249 -26.53 3.47 -13.32
C ARG A 249 -25.25 2.69 -13.08
N PHE A 250 -25.37 1.39 -12.80
CA PHE A 250 -24.18 0.58 -12.55
C PHE A 250 -23.29 0.51 -13.79
N ILE A 251 -23.89 0.43 -14.96
CA ILE A 251 -23.13 0.40 -16.21
C ILE A 251 -22.39 1.72 -16.41
N ARG A 252 -23.02 2.84 -16.07
CA ARG A 252 -22.41 4.14 -16.29
C ARG A 252 -21.28 4.41 -15.31
N LYS A 253 -21.47 4.05 -14.03
CA LYS A 253 -20.44 4.29 -13.03
C LYS A 253 -19.22 3.42 -13.29
N GLN A 254 -19.43 2.18 -13.76
CA GLN A 254 -18.32 1.28 -14.02
C GLN A 254 -17.59 1.62 -15.31
N GLY A 255 -18.22 2.34 -16.23
CA GLY A 255 -17.62 2.60 -17.52
C GLY A 255 -17.71 1.43 -18.49
N LEU A 256 -18.71 0.57 -18.33
CA LEU A 256 -18.84 -0.58 -19.22
C LEU A 256 -19.06 -0.13 -20.67
N ASP A 257 -19.69 1.03 -20.88
CA ASP A 257 -19.93 1.55 -22.21
C ASP A 257 -18.76 2.39 -22.73
N ARG A 258 -17.57 2.20 -22.16
CA ARG A 258 -16.37 2.91 -22.59
C ARG A 258 -15.30 1.90 -22.97
N LEU A 259 -14.50 2.25 -23.98
CA LEU A 259 -13.43 1.39 -24.45
C LEU A 259 -12.14 1.77 -23.73
N PHE A 260 -11.53 0.80 -23.04
CA PHE A 260 -10.27 1.00 -22.34
C PHE A 260 -9.20 0.08 -22.92
N LEU A 261 -7.95 0.52 -22.84
CA LEU A 261 -6.81 -0.26 -23.30
C LEU A 261 -5.69 -0.16 -22.29
N GLU A 262 -5.19 -1.31 -21.83
CA GLU A 262 -4.09 -1.34 -20.88
C GLU A 262 -2.76 -1.37 -21.63
N CYS A 263 -1.88 -0.42 -21.29
CA CYS A 263 -0.54 -0.41 -21.84
C CYS A 263 0.32 0.54 -21.01
N ASP A 264 1.59 0.16 -20.84
CA ASP A 264 2.54 0.94 -20.03
C ASP A 264 1.98 1.21 -18.64
N ALA A 265 1.33 0.20 -18.07
CA ALA A 265 0.79 0.29 -16.71
C ALA A 265 -0.20 1.44 -16.58
N HIS A 266 -1.04 1.62 -17.59
CA HIS A 266 -2.07 2.65 -17.56
C HIS A 266 -3.28 2.16 -18.33
N MET A 267 -4.46 2.59 -17.88
CA MET A 267 -5.73 2.25 -18.52
C MET A 267 -6.22 3.47 -19.31
N TRP A 268 -5.97 3.47 -20.61
CA TRP A 268 -6.35 4.59 -21.46
C TRP A 268 -7.81 4.45 -21.90
N ARG A 269 -8.56 5.55 -21.79
CA ARG A 269 -9.93 5.59 -22.28
C ARG A 269 -9.92 6.09 -23.71
N LEU A 270 -10.48 5.29 -24.63
CA LEU A 270 -10.39 5.56 -26.06
C LEU A 270 -11.69 6.03 -26.69
N GLY A 271 -12.84 5.75 -26.08
CA GLY A 271 -14.09 6.22 -26.63
C GLY A 271 -15.25 5.38 -26.15
N ASP A 272 -16.37 5.51 -26.87
CA ASP A 272 -17.61 4.85 -26.52
C ASP A 272 -17.73 3.50 -27.20
N ARG A 273 -18.63 2.68 -26.66
CA ARG A 273 -18.96 1.40 -27.27
C ARG A 273 -20.35 1.00 -26.79
N ARG A 274 -21.00 0.15 -27.58
CA ARG A 274 -22.33 -0.32 -27.26
C ARG A 274 -22.28 -1.55 -26.36
N ILE A 275 -23.29 -1.68 -25.52
CA ILE A 275 -23.46 -2.94 -24.77
C ILE A 275 -23.96 -4.01 -25.73
N PRO A 276 -23.38 -5.22 -25.73
CA PRO A 276 -23.86 -6.25 -26.65
C PRO A 276 -25.33 -6.56 -26.41
N GLU A 277 -26.04 -6.85 -27.50
CA GLU A 277 -27.46 -7.09 -27.44
C GLU A 277 -27.75 -8.59 -27.29
N GLY A 278 -28.79 -8.90 -26.54
CA GLY A 278 -29.21 -10.27 -26.36
C GLY A 278 -28.80 -10.91 -25.05
N ILE A 279 -28.01 -10.22 -24.21
CA ILE A 279 -27.56 -10.76 -22.94
C ILE A 279 -27.88 -9.75 -21.85
N ALA A 280 -27.92 -10.25 -20.62
CA ALA A 280 -28.13 -9.43 -19.43
C ALA A 280 -26.78 -9.19 -18.77
N VAL A 281 -26.38 -7.93 -18.67
CA VAL A 281 -25.12 -7.55 -18.06
C VAL A 281 -25.33 -7.29 -16.58
N ASP A 282 -24.55 -7.98 -15.74
CA ASP A 282 -24.58 -7.79 -14.30
C ASP A 282 -23.15 -7.64 -13.78
N GLY A 283 -23.03 -7.28 -12.52
CA GLY A 283 -21.71 -7.14 -11.91
C GLY A 283 -21.83 -6.79 -10.44
N GLY A 284 -20.66 -6.63 -9.82
CA GLY A 284 -20.59 -6.28 -8.41
C GLY A 284 -19.19 -6.42 -7.86
N SER A 285 -19.03 -7.26 -6.85
CA SER A 285 -17.73 -7.48 -6.23
C SER A 285 -16.89 -8.44 -7.06
N ASP A 286 -15.58 -8.17 -7.14
CA ASP A 286 -14.63 -9.07 -7.78
C ASP A 286 -13.99 -10.05 -6.79
N TRP A 287 -14.66 -10.34 -5.67
CA TRP A 287 -14.24 -11.37 -4.73
C TRP A 287 -15.36 -12.40 -4.65
N PHE A 288 -15.05 -13.64 -5.00
CA PHE A 288 -16.08 -14.65 -5.24
C PHE A 288 -15.58 -16.03 -4.83
N LEU A 289 -16.46 -17.02 -4.96
CA LEU A 289 -16.13 -18.43 -4.83
C LEU A 289 -16.82 -19.18 -5.97
N LEU A 290 -16.05 -19.91 -6.77
CA LEU A 290 -16.58 -20.60 -7.95
C LEU A 290 -16.19 -22.07 -7.90
N ASN A 291 -17.13 -22.94 -8.22
CA ASN A 291 -16.87 -24.38 -8.17
C ASN A 291 -16.21 -24.85 -9.47
N ARG A 292 -15.58 -26.02 -9.38
CA ARG A 292 -14.74 -26.51 -10.48
C ARG A 292 -15.55 -26.66 -11.76
N ARG A 293 -16.81 -27.05 -11.65
CA ARG A 293 -17.66 -27.22 -12.82
C ARG A 293 -17.73 -25.94 -13.64
N PHE A 294 -17.99 -24.81 -12.97
CA PHE A 294 -18.14 -23.55 -13.69
C PHE A 294 -16.79 -23.02 -14.17
N VAL A 295 -15.72 -23.23 -13.41
CA VAL A 295 -14.40 -22.79 -13.85
C VAL A 295 -13.99 -23.55 -15.10
N GLU A 296 -14.32 -24.84 -15.17
CA GLU A 296 -14.08 -25.63 -16.38
C GLU A 296 -14.79 -25.03 -17.58
N TYR A 297 -16.05 -24.63 -17.41
CA TYR A 297 -16.82 -24.08 -18.51
C TYR A 297 -16.20 -22.79 -19.04
N VAL A 298 -15.82 -21.89 -18.13
CA VAL A 298 -15.26 -20.61 -18.54
C VAL A 298 -13.96 -20.83 -19.33
N THR A 299 -13.16 -21.82 -18.92
CA THR A 299 -11.82 -21.97 -19.47
C THR A 299 -11.86 -22.61 -20.86
N PHE A 300 -12.66 -23.67 -21.02
CA PHE A 300 -12.58 -24.52 -22.22
C PHE A 300 -13.75 -24.37 -23.16
N SER A 301 -14.82 -23.68 -22.77
CA SER A 301 -15.98 -23.55 -23.66
C SER A 301 -15.64 -22.64 -24.83
N THR A 302 -16.14 -23.02 -26.02
CA THR A 302 -15.99 -22.22 -27.23
C THR A 302 -17.33 -21.70 -27.74
N ASP A 303 -18.38 -21.75 -26.92
CA ASP A 303 -19.68 -21.30 -27.38
C ASP A 303 -19.67 -19.78 -27.58
N ASP A 304 -20.75 -19.27 -28.18
CA ASP A 304 -20.81 -17.88 -28.57
C ASP A 304 -20.64 -16.93 -27.37
N LEU A 305 -21.10 -17.34 -26.19
CA LEU A 305 -21.09 -16.45 -25.04
C LEU A 305 -19.68 -16.26 -24.48
N VAL A 306 -18.99 -17.36 -24.20
CA VAL A 306 -17.67 -17.25 -23.58
C VAL A 306 -16.69 -16.60 -24.54
N THR A 307 -16.79 -16.89 -25.83
CA THR A 307 -15.85 -16.35 -26.81
C THR A 307 -15.97 -14.83 -26.90
N LYS A 308 -17.20 -14.33 -27.08
CA LYS A 308 -17.38 -12.90 -27.28
C LYS A 308 -17.21 -12.10 -25.99
N MET A 309 -17.38 -12.72 -24.83
CA MET A 309 -17.16 -12.01 -23.57
C MET A 309 -15.68 -11.85 -23.28
N LYS A 310 -14.87 -12.87 -23.59
CA LYS A 310 -13.43 -12.73 -23.41
C LYS A 310 -12.86 -11.63 -24.29
N GLN A 311 -13.42 -11.43 -25.48
CA GLN A 311 -12.99 -10.32 -26.33
C GLN A 311 -13.48 -8.99 -25.77
N PHE A 312 -14.76 -8.93 -25.40
CA PHE A 312 -15.33 -7.70 -24.85
C PHE A 312 -14.55 -7.24 -23.63
N TYR A 313 -14.28 -8.15 -22.69
CA TYR A 313 -13.66 -7.81 -21.41
C TYR A 313 -12.14 -7.70 -21.48
N SER A 314 -11.53 -7.87 -22.66
CA SER A 314 -10.11 -7.58 -22.80
C SER A 314 -9.84 -6.07 -22.84
N TYR A 315 -10.87 -5.26 -23.09
CA TYR A 315 -10.73 -3.82 -23.18
C TYR A 315 -11.67 -3.13 -22.19
N THR A 316 -11.84 -3.73 -21.03
CA THR A 316 -12.81 -3.29 -20.04
C THR A 316 -12.12 -2.91 -18.74
N LEU A 317 -12.53 -1.77 -18.18
CA LEU A 317 -12.11 -1.37 -16.85
C LEU A 317 -12.77 -2.24 -15.79
N LEU A 318 -12.01 -2.62 -14.77
CA LEU A 318 -12.50 -3.44 -13.68
C LEU A 318 -13.25 -4.68 -14.18
N PRO A 319 -12.64 -5.46 -15.09
CA PRO A 319 -13.40 -6.54 -15.73
C PRO A 319 -13.81 -7.64 -14.78
N ALA A 320 -12.98 -7.95 -13.78
CA ALA A 320 -13.34 -9.00 -12.82
C ALA A 320 -14.57 -8.63 -11.99
N GLU A 321 -15.05 -7.39 -12.05
CA GLU A 321 -16.24 -6.99 -11.32
C GLU A 321 -17.53 -7.19 -12.11
N SER A 322 -17.47 -7.79 -13.30
CA SER A 322 -18.71 -8.05 -14.03
C SER A 322 -18.60 -9.18 -15.05
N PHE A 323 -17.38 -9.62 -15.36
CA PHE A 323 -17.21 -10.69 -16.34
C PHE A 323 -17.82 -12.00 -15.85
N PHE A 324 -17.47 -12.42 -14.64
CA PHE A 324 -17.97 -13.69 -14.13
C PHE A 324 -19.47 -13.62 -13.84
N HIS A 325 -19.95 -12.49 -13.33
CA HIS A 325 -21.38 -12.29 -13.16
C HIS A 325 -22.11 -12.49 -14.48
N THR A 326 -21.63 -11.82 -15.54
CA THR A 326 -22.36 -11.80 -16.81
C THR A 326 -22.34 -13.18 -17.48
N VAL A 327 -21.20 -13.86 -17.45
CA VAL A 327 -21.13 -15.18 -18.08
C VAL A 327 -22.06 -16.16 -17.38
N LEU A 328 -22.00 -16.20 -16.04
CA LEU A 328 -22.82 -17.15 -15.29
C LEU A 328 -24.31 -16.91 -15.54
N GLU A 329 -24.72 -15.64 -15.58
CA GLU A 329 -26.14 -15.32 -15.70
C GLU A 329 -26.71 -15.75 -17.05
N ASN A 330 -25.89 -15.76 -18.10
CA ASN A 330 -26.35 -16.09 -19.44
C ASN A 330 -25.87 -17.46 -19.90
N SER A 331 -25.29 -18.26 -19.02
CA SER A 331 -24.77 -19.58 -19.35
C SER A 331 -25.73 -20.67 -18.91
N PRO A 332 -25.46 -21.92 -19.29
CA PRO A 332 -26.29 -23.02 -18.79
C PRO A 332 -26.24 -23.21 -17.28
N HIS A 333 -25.25 -22.65 -16.60
CA HIS A 333 -25.13 -22.78 -15.15
C HIS A 333 -25.81 -21.64 -14.39
N CYS A 334 -26.72 -20.92 -15.03
CA CYS A 334 -27.29 -19.73 -14.40
C CYS A 334 -28.07 -20.07 -13.14
N ASP A 335 -28.63 -21.27 -13.06
CA ASP A 335 -29.46 -21.64 -11.92
C ASP A 335 -28.64 -21.99 -10.68
N THR A 336 -27.32 -21.78 -10.70
CA THR A 336 -26.46 -22.11 -9.57
C THR A 336 -25.99 -20.89 -8.79
N MET A 337 -26.35 -19.69 -9.22
CA MET A 337 -25.81 -18.48 -8.60
C MET A 337 -26.49 -18.17 -7.28
N VAL A 338 -25.67 -17.83 -6.28
CA VAL A 338 -26.13 -17.31 -5.00
C VAL A 338 -25.66 -15.87 -4.90
N ASP A 339 -26.59 -14.95 -4.63
CA ASP A 339 -26.25 -13.52 -4.56
C ASP A 339 -25.62 -13.19 -3.20
N ASN A 340 -24.45 -13.80 -2.97
CA ASN A 340 -23.71 -13.61 -1.73
C ASN A 340 -22.31 -14.18 -1.91
N ASN A 341 -21.28 -13.33 -1.79
CA ASN A 341 -19.91 -13.76 -1.97
C ASN A 341 -19.25 -14.21 -0.67
N LEU A 342 -20.02 -14.32 0.41
CA LEU A 342 -19.51 -14.76 1.71
C LEU A 342 -18.40 -13.85 2.23
N ARG A 343 -18.47 -12.56 1.88
CA ARG A 343 -17.50 -11.57 2.34
C ARG A 343 -18.21 -10.44 3.06
N ILE A 344 -17.46 -9.76 3.93
CA ILE A 344 -17.83 -8.44 4.42
C ILE A 344 -16.77 -7.47 3.92
N THR A 345 -17.19 -6.48 3.15
CA THR A 345 -16.30 -5.45 2.63
C THR A 345 -16.62 -4.14 3.35
N ASN A 346 -15.61 -3.55 3.98
CA ASN A 346 -15.78 -2.37 4.82
C ASN A 346 -15.86 -1.11 3.96
N TRP A 347 -16.96 -1.00 3.22
CA TRP A 347 -17.18 0.18 2.39
C TRP A 347 -17.54 1.38 3.25
N ASN A 348 -16.89 2.51 2.98
CA ASN A 348 -17.18 3.79 3.64
C ASN A 348 -16.92 4.87 2.59
N ARG A 349 -17.87 5.01 1.66
CA ARG A 349 -17.67 5.83 0.47
C ARG A 349 -17.56 7.32 0.78
N LYS A 350 -17.95 7.76 1.97
CA LYS A 350 -17.67 9.13 2.37
C LYS A 350 -16.17 9.36 2.60
N LEU A 351 -15.39 8.30 2.77
CA LEU A 351 -13.93 8.39 2.90
C LEU A 351 -13.17 7.72 1.77
N GLY A 352 -13.77 6.76 1.07
CA GLY A 352 -13.04 5.94 0.12
C GLY A 352 -13.22 6.28 -1.34
N CYS A 353 -14.11 7.22 -1.66
CA CYS A 353 -14.35 7.68 -3.03
C CYS A 353 -13.76 9.07 -3.17
N LYS A 354 -12.47 9.13 -3.50
CA LYS A 354 -11.77 10.40 -3.68
C LYS A 354 -11.09 10.49 -5.03
N CYS A 355 -11.47 9.64 -5.98
CA CYS A 355 -10.84 9.58 -7.30
C CYS A 355 -9.31 9.56 -7.15
N GLN A 356 -8.83 8.55 -6.40
CA GLN A 356 -7.44 8.48 -5.99
C GLN A 356 -6.56 7.73 -6.99
N TYR A 357 -7.12 7.21 -8.08
CA TYR A 357 -6.36 6.48 -9.08
C TYR A 357 -6.30 7.22 -10.41
N LYS A 358 -6.56 8.53 -10.41
CA LYS A 358 -6.60 9.29 -11.66
C LYS A 358 -5.29 9.25 -12.42
N HIS A 359 -4.19 8.89 -11.76
CA HIS A 359 -2.89 8.79 -12.41
C HIS A 359 -2.61 7.39 -12.96
N ILE A 360 -3.45 6.41 -12.64
CA ILE A 360 -3.29 5.05 -13.14
C ILE A 360 -4.33 4.72 -14.20
N VAL A 361 -5.56 5.23 -14.05
CA VAL A 361 -6.65 4.95 -14.97
C VAL A 361 -7.30 6.26 -15.38
N ASP A 362 -7.90 6.27 -16.57
CA ASP A 362 -8.68 7.41 -17.06
C ASP A 362 -10.12 7.31 -16.57
N TRP A 363 -10.26 7.31 -15.24
CA TRP A 363 -11.55 7.10 -14.59
C TRP A 363 -11.35 7.35 -13.10
N CYS A 364 -12.46 7.43 -12.38
CA CYS A 364 -12.44 7.54 -10.93
C CYS A 364 -12.84 6.21 -10.30
N GLY A 365 -12.52 6.06 -9.01
CA GLY A 365 -12.78 4.80 -8.34
C GLY A 365 -12.83 4.95 -6.84
N CYS A 366 -13.20 3.86 -6.18
CA CYS A 366 -13.36 3.81 -4.74
C CYS A 366 -12.64 2.59 -4.18
N SER A 367 -12.35 2.63 -2.88
CA SER A 367 -11.67 1.55 -2.19
C SER A 367 -12.31 1.30 -0.82
N PRO A 368 -12.37 0.05 -0.37
CA PRO A 368 -12.86 -0.21 0.98
C PRO A 368 -11.88 0.27 2.04
N ASN A 369 -12.40 0.58 3.22
CA ASN A 369 -11.60 1.05 4.34
C ASN A 369 -11.03 -0.13 5.12
N ASP A 370 -10.10 0.19 6.03
CA ASP A 370 -9.50 -0.79 6.92
C ASP A 370 -10.31 -0.88 8.22
N PHE A 371 -10.48 -2.10 8.71
CA PHE A 371 -11.21 -2.32 9.96
C PHE A 371 -10.42 -1.79 11.16
N LYS A 372 -11.15 -1.28 12.14
CA LYS A 372 -10.60 -0.81 13.40
C LYS A 372 -11.20 -1.64 14.53
N PRO A 373 -10.65 -1.56 15.75
CA PRO A 373 -11.14 -2.44 16.83
C PRO A 373 -12.62 -2.30 17.14
N GLN A 374 -13.21 -1.11 16.95
CA GLN A 374 -14.64 -0.96 17.20
C GLN A 374 -15.50 -1.75 16.23
N ASP A 375 -14.90 -2.31 15.18
CA ASP A 375 -15.64 -3.08 14.18
C ASP A 375 -15.69 -4.56 14.48
N PHE A 376 -15.16 -5.01 15.63
CA PHE A 376 -15.10 -6.43 15.89
C PHE A 376 -16.49 -7.06 15.99
N HIS A 377 -17.48 -6.30 16.49
CA HIS A 377 -18.82 -6.85 16.63
C HIS A 377 -19.45 -7.20 15.29
N ARG A 378 -18.99 -6.59 14.20
CA ARG A 378 -19.54 -6.88 12.89
C ARG A 378 -19.16 -8.27 12.40
N PHE A 379 -18.14 -8.88 12.99
CA PHE A 379 -17.73 -10.23 12.63
C PHE A 379 -18.51 -11.30 13.39
N GLN A 380 -19.60 -10.93 14.05
CA GLN A 380 -20.40 -11.86 14.84
C GLN A 380 -21.86 -11.89 14.39
N GLN A 381 -22.18 -11.33 13.24
CA GLN A 381 -23.57 -11.33 12.76
C GLN A 381 -23.94 -12.68 12.19
N THR A 382 -25.22 -13.05 12.33
CA THR A 382 -25.73 -14.32 11.84
C THR A 382 -26.85 -14.14 10.82
N ALA A 383 -26.99 -12.94 10.25
CA ALA A 383 -28.01 -12.72 9.23
C ALA A 383 -27.76 -13.62 8.02
N ARG A 384 -26.62 -13.47 7.38
CA ARG A 384 -26.21 -14.30 6.26
C ARG A 384 -24.86 -14.95 6.57
N PRO A 385 -24.53 -16.06 5.91
CA PRO A 385 -23.21 -16.68 6.13
C PRO A 385 -22.10 -15.86 5.50
N THR A 386 -21.01 -15.71 6.25
CA THR A 386 -19.83 -14.97 5.82
C THR A 386 -18.59 -15.62 6.41
N PHE A 387 -17.53 -15.73 5.61
CA PHE A 387 -16.33 -16.43 6.03
C PHE A 387 -15.04 -15.63 5.85
N PHE A 388 -15.07 -14.48 5.18
CA PHE A 388 -13.89 -13.66 4.99
C PHE A 388 -14.30 -12.20 5.03
N ALA A 389 -13.33 -11.33 5.30
CA ALA A 389 -13.55 -9.90 5.36
C ALA A 389 -12.33 -9.15 4.88
N ARG A 390 -12.55 -7.93 4.41
CA ARG A 390 -11.47 -7.05 3.97
C ARG A 390 -11.95 -5.60 4.14
N LYS A 391 -11.00 -4.67 4.29
CA LYS A 391 -9.55 -4.88 4.27
C LYS A 391 -8.91 -4.75 5.66
N PHE A 392 -7.76 -5.40 5.84
CA PHE A 392 -6.95 -5.29 7.04
C PHE A 392 -5.55 -4.82 6.65
N GLU A 393 -4.98 -3.93 7.47
CA GLU A 393 -3.63 -3.42 7.24
C GLU A 393 -2.92 -3.26 8.58
N ALA A 394 -1.82 -3.99 8.76
CA ALA A 394 -1.12 -4.00 10.03
C ALA A 394 -0.50 -2.64 10.34
N VAL A 395 0.00 -1.92 9.31
CA VAL A 395 0.57 -0.60 9.55
C VAL A 395 -0.47 0.45 9.89
N VAL A 396 -1.75 0.15 9.68
CA VAL A 396 -2.84 1.05 10.03
C VAL A 396 -3.43 0.70 11.38
N ASN A 397 -3.79 -0.58 11.58
CA ASN A 397 -4.33 -1.02 12.86
C ASN A 397 -4.16 -2.53 12.93
N GLN A 398 -3.29 -2.99 13.83
CA GLN A 398 -3.05 -4.41 14.03
C GLN A 398 -3.89 -5.01 15.13
N GLU A 399 -4.37 -4.19 16.07
CA GLU A 399 -5.11 -4.71 17.21
C GLU A 399 -6.31 -5.53 16.78
N ILE A 400 -7.06 -5.05 15.79
CA ILE A 400 -8.26 -5.76 15.34
C ILE A 400 -7.87 -7.10 14.73
N ILE A 401 -6.73 -7.17 14.04
CA ILE A 401 -6.26 -8.44 13.50
C ILE A 401 -6.01 -9.43 14.63
N GLY A 402 -5.37 -8.96 15.72
CA GLY A 402 -5.11 -9.83 16.85
C GLY A 402 -6.39 -10.35 17.51
N GLN A 403 -7.36 -9.46 17.71
CA GLN A 403 -8.63 -9.89 18.29
C GLN A 403 -9.28 -10.97 17.44
N LEU A 404 -9.31 -10.76 16.13
CA LEU A 404 -9.97 -11.71 15.23
C LEU A 404 -9.27 -13.07 15.26
N ASP A 405 -7.94 -13.07 15.26
CA ASP A 405 -7.19 -14.33 15.19
C ASP A 405 -7.31 -15.12 16.49
N TYR A 406 -7.19 -14.45 17.64
CA TYR A 406 -7.31 -15.16 18.92
C TYR A 406 -8.73 -15.62 19.16
N TYR A 407 -9.72 -14.89 18.64
CA TYR A 407 -11.11 -15.30 18.79
C TYR A 407 -11.43 -16.55 17.96
N LEU A 408 -10.75 -16.73 16.84
CA LEU A 408 -10.99 -17.91 15.99
C LEU A 408 -10.20 -19.12 16.46
N TYR A 409 -8.94 -18.92 16.84
CA TYR A 409 -8.02 -20.04 17.08
C TYR A 409 -7.39 -20.02 18.47
N GLY A 410 -7.81 -19.11 19.35
CA GLY A 410 -7.35 -19.10 20.72
C GLY A 410 -6.10 -18.25 20.94
N ASN A 411 -5.85 -17.94 22.20
CA ASN A 411 -4.69 -17.15 22.58
C ASN A 411 -3.41 -17.95 22.40
N TYR A 412 -2.31 -17.24 22.14
CA TYR A 412 -0.99 -17.83 22.21
C TYR A 412 -0.61 -18.03 23.68
N PRO A 413 0.34 -18.93 23.97
CA PRO A 413 0.70 -19.17 25.37
C PRO A 413 1.34 -17.95 26.01
N ALA A 414 1.18 -17.85 27.32
CA ALA A 414 1.77 -16.75 28.07
C ALA A 414 3.28 -16.74 27.89
N GLY A 415 3.84 -15.54 27.70
CA GLY A 415 5.25 -15.40 27.43
C GLY A 415 5.62 -15.31 25.97
N THR A 416 4.65 -15.47 25.07
CA THR A 416 4.95 -15.38 23.64
C THR A 416 5.37 -13.96 23.30
N PRO A 417 6.52 -13.76 22.67
CA PRO A 417 6.96 -12.40 22.32
C PRO A 417 6.38 -11.92 20.99
N GLY A 418 6.41 -10.60 20.83
CA GLY A 418 6.12 -9.96 19.56
C GLY A 418 4.65 -9.82 19.20
N LEU A 419 3.73 -10.21 20.09
CA LEU A 419 2.32 -10.27 19.69
C LEU A 419 1.74 -8.89 19.39
N ARG A 420 2.26 -7.83 20.02
CA ARG A 420 1.77 -6.48 19.78
C ARG A 420 2.69 -5.68 18.89
N SER A 421 3.74 -6.30 18.34
CA SER A 421 4.70 -5.63 17.48
C SER A 421 4.41 -5.92 16.02
N TYR A 422 4.93 -5.04 15.15
CA TYR A 422 4.87 -5.28 13.71
C TYR A 422 6.14 -4.74 13.05
N TRP A 423 6.68 -5.53 12.13
CA TRP A 423 7.87 -5.18 11.36
C TRP A 423 7.53 -5.27 9.88
N GLU A 424 7.91 -4.24 9.12
CA GLU A 424 7.64 -4.19 7.69
C GLU A 424 8.88 -3.70 6.96
N ASN A 425 9.41 -4.53 6.07
CA ASN A 425 10.62 -4.22 5.33
C ASN A 425 10.29 -3.22 4.22
N VAL A 426 10.98 -2.09 4.21
CA VAL A 426 10.77 -1.05 3.20
C VAL A 426 11.97 -0.88 2.28
N TYR A 427 13.04 -1.62 2.49
CA TYR A 427 14.13 -1.68 1.52
C TYR A 427 14.96 -2.92 1.78
N ASP A 428 15.24 -3.68 0.73
CA ASP A 428 16.03 -4.90 0.81
C ASP A 428 17.16 -4.81 -0.21
N GLU A 429 18.38 -5.14 0.23
CA GLU A 429 19.57 -4.92 -0.59
C GLU A 429 19.46 -5.50 -2.00
N PRO A 430 18.92 -6.70 -2.21
CA PRO A 430 18.89 -7.25 -3.58
C PRO A 430 18.18 -6.37 -4.59
N ASP A 431 17.38 -5.40 -4.15
CA ASP A 431 16.67 -4.54 -5.08
C ASP A 431 17.49 -3.33 -5.53
N GLY A 432 18.62 -3.05 -4.87
CA GLY A 432 19.56 -2.04 -5.35
C GLY A 432 19.23 -0.65 -4.86
N ILE A 433 20.29 0.13 -4.62
CA ILE A 433 20.11 1.48 -4.11
C ILE A 433 19.40 2.38 -5.12
N HIS A 434 19.37 2.01 -6.39
CA HIS A 434 18.66 2.81 -7.37
C HIS A 434 17.15 2.69 -7.25
N SER A 435 16.65 1.69 -6.50
CA SER A 435 15.23 1.65 -6.19
C SER A 435 14.86 2.60 -5.05
N LEU A 436 15.84 3.02 -4.26
CA LEU A 436 15.65 4.11 -3.31
C LEU A 436 15.76 5.45 -4.01
N SER A 437 15.39 6.51 -3.31
CA SER A 437 15.59 7.87 -3.79
C SER A 437 16.83 8.47 -3.15
N ASP A 438 17.26 9.62 -3.66
CA ASP A 438 18.38 10.33 -3.04
C ASP A 438 18.03 10.76 -1.62
N VAL A 439 16.75 11.00 -1.34
CA VAL A 439 16.34 11.39 0.01
C VAL A 439 16.49 10.22 0.98
N THR A 440 15.81 9.11 0.68
CA THR A 440 15.84 7.96 1.60
C THR A 440 17.25 7.41 1.74
N LEU A 441 18.02 7.40 0.66
CA LEU A 441 19.40 6.93 0.73
C LEU A 441 20.25 7.83 1.61
N THR A 442 20.11 9.15 1.44
CA THR A 442 20.84 10.09 2.28
C THR A 442 20.53 9.85 3.76
N LEU A 443 19.25 9.74 4.11
CA LEU A 443 18.86 9.69 5.51
C LEU A 443 19.10 8.31 6.14
N TYR A 444 18.96 7.23 5.39
CA TYR A 444 19.28 5.91 5.92
C TYR A 444 20.76 5.80 6.27
N HIS A 445 21.63 6.39 5.44
CA HIS A 445 23.05 6.45 5.79
C HIS A 445 23.26 7.23 7.08
N SER A 446 22.52 8.33 7.25
CA SER A 446 22.68 9.16 8.44
C SER A 446 22.27 8.40 9.69
N PHE A 447 21.12 7.72 9.64
CA PHE A 447 20.67 6.92 10.77
C PHE A 447 21.74 5.92 11.20
N ALA A 448 22.35 5.22 10.24
CA ALA A 448 23.37 4.24 10.56
C ALA A 448 24.53 4.88 11.32
N ARG A 449 24.98 6.06 10.88
CA ARG A 449 26.07 6.73 11.58
C ARG A 449 25.63 7.17 12.97
N LEU A 450 24.39 7.64 13.10
CA LEU A 450 23.86 7.97 14.41
C LEU A 450 23.91 6.76 15.35
N GLY A 451 23.69 5.56 14.81
CA GLY A 451 23.77 4.37 15.63
C GLY A 451 25.19 4.05 16.05
N LEU A 452 26.14 4.15 15.12
CA LEU A 452 27.55 3.89 15.47
C LEU A 452 28.04 4.85 16.53
N ARG A 453 27.59 6.11 16.47
CA ARG A 453 27.98 7.07 17.49
C ARG A 453 27.42 6.68 18.85
N ARG A 454 26.23 6.09 18.89
CA ARG A 454 25.71 5.58 20.15
C ARG A 454 26.57 4.44 20.69
N ALA A 455 27.02 3.54 19.81
CA ALA A 455 27.86 2.44 20.26
C ALA A 455 29.14 2.96 20.92
N GLU A 456 29.79 3.92 20.29
CA GLU A 456 31.05 4.45 20.83
C GLU A 456 30.84 5.08 22.20
N THR A 457 29.79 5.89 22.35
CA THR A 457 29.56 6.62 23.59
C THR A 457 28.95 5.76 24.68
N SER A 458 28.48 4.55 24.38
CA SER A 458 27.86 3.70 25.39
C SER A 458 28.90 2.99 26.26
N LEU A 459 30.13 2.82 25.77
CA LEU A 459 31.18 2.16 26.53
C LEU A 459 32.04 3.20 27.23
N HIS A 460 32.25 3.01 28.53
CA HIS A 460 32.99 3.95 29.36
C HIS A 460 34.28 3.28 29.82
N THR A 461 35.41 3.77 29.32
CA THR A 461 36.71 3.20 29.66
C THR A 461 37.79 4.20 29.26
N ASP A 462 38.94 4.09 29.92
CA ASP A 462 40.07 4.96 29.63
C ASP A 462 41.04 4.36 28.64
N GLY A 463 40.99 3.05 28.42
CA GLY A 463 41.81 2.40 27.42
C GLY A 463 41.25 2.54 26.03
N GLU A 464 41.60 1.60 25.16
CA GLU A 464 41.08 1.60 23.81
C GLU A 464 39.58 1.32 23.82
N ASN A 465 38.86 1.97 22.91
CA ASN A 465 37.43 1.80 22.78
C ASN A 465 37.16 0.69 21.76
N SER A 466 36.61 -0.42 22.22
CA SER A 466 36.27 -1.55 21.36
C SER A 466 34.85 -1.45 20.80
N CYS A 467 34.23 -0.28 20.87
CA CYS A 467 32.93 -0.04 20.26
C CYS A 467 33.00 1.12 19.27
N ARG A 468 34.15 1.29 18.63
CA ARG A 468 34.38 2.34 17.64
C ARG A 468 34.33 1.72 16.26
N TYR A 469 33.43 2.23 15.42
CA TYR A 469 33.17 1.63 14.12
C TYR A 469 33.38 2.65 12.99
N TYR A 470 33.64 2.11 11.80
CA TYR A 470 33.74 2.87 10.58
C TYR A 470 32.74 2.31 9.57
N PRO A 471 31.86 3.11 9.00
CA PRO A 471 30.82 2.56 8.14
C PRO A 471 31.38 2.01 6.83
N MET A 472 30.75 0.94 6.35
CA MET A 472 31.13 0.29 5.10
C MET A 472 29.91 0.12 4.23
N GLY A 473 30.02 0.54 2.96
CA GLY A 473 28.99 0.27 1.98
C GLY A 473 27.66 0.94 2.30
N HIS A 474 26.59 0.33 1.78
CA HIS A 474 25.25 0.88 1.86
C HIS A 474 24.37 0.03 2.77
N PRO A 475 23.22 0.55 3.20
CA PRO A 475 22.36 -0.23 4.10
C PRO A 475 21.92 -1.54 3.46
N ALA A 476 21.89 -2.59 4.28
CA ALA A 476 21.47 -3.90 3.80
C ALA A 476 19.95 -4.03 3.80
N SER A 477 19.28 -3.45 4.80
CA SER A 477 17.82 -3.47 4.82
C SER A 477 17.31 -2.42 5.79
N VAL A 478 16.04 -2.05 5.61
CA VAL A 478 15.37 -1.07 6.45
C VAL A 478 13.97 -1.60 6.77
N HIS A 479 13.58 -1.50 8.03
CA HIS A 479 12.27 -1.94 8.49
C HIS A 479 11.54 -0.79 9.18
N LEU A 480 10.23 -0.74 8.99
CA LEU A 480 9.36 0.01 9.88
C LEU A 480 9.09 -0.82 11.13
N TYR A 481 8.94 -0.14 12.27
CA TYR A 481 8.77 -0.78 13.56
C TYR A 481 7.59 -0.16 14.29
N PHE A 482 6.54 -0.96 14.53
CA PHE A 482 5.35 -0.54 15.24
C PHE A 482 5.21 -1.34 16.54
N LEU A 483 4.70 -0.69 17.58
CA LEU A 483 4.43 -1.36 18.85
C LEU A 483 3.07 -0.90 19.34
N ALA A 484 2.11 -1.83 19.41
CA ALA A 484 0.75 -1.54 19.82
C ALA A 484 0.16 -0.40 19.00
N ASP A 485 0.32 -0.51 17.69
CA ASP A 485 -0.26 0.45 16.75
C ASP A 485 0.28 1.86 16.98
N ARG A 486 1.56 1.94 17.32
CA ARG A 486 2.24 3.22 17.53
C ARG A 486 3.60 3.15 16.84
N PHE A 487 3.81 4.04 15.88
CA PHE A 487 5.05 4.02 15.10
C PHE A 487 6.25 4.28 16.02
N GLN A 488 7.25 3.39 15.94
CA GLN A 488 8.44 3.48 16.77
C GLN A 488 9.66 3.99 16.02
N GLY A 489 9.69 3.89 14.69
CA GLY A 489 10.81 4.39 13.90
C GLY A 489 11.31 3.40 12.87
N PHE A 490 12.58 3.52 12.51
CA PHE A 490 13.22 2.67 11.52
C PHE A 490 14.25 1.75 12.16
N LEU A 491 14.39 0.55 11.60
CA LEU A 491 15.47 -0.35 11.93
C LEU A 491 16.36 -0.49 10.70
N ILE A 492 17.63 -0.11 10.84
CA ILE A 492 18.58 -0.12 9.73
C ILE A 492 19.62 -1.19 10.02
N LYS A 493 19.75 -2.16 9.12
CA LYS A 493 20.83 -3.13 9.16
C LYS A 493 21.96 -2.65 8.25
N HIS A 494 23.18 -2.63 8.77
CA HIS A 494 24.30 -2.07 8.04
C HIS A 494 25.59 -2.73 8.48
N HIS A 495 26.61 -2.63 7.63
CA HIS A 495 27.93 -3.19 7.88
C HIS A 495 28.90 -2.11 8.35
N ALA A 496 29.85 -2.51 9.18
CA ALA A 496 30.85 -1.58 9.71
C ALA A 496 32.04 -2.37 10.19
N THR A 497 33.19 -1.71 10.23
CA THR A 497 34.42 -2.28 10.74
C THR A 497 34.62 -1.86 12.19
N ASN A 498 34.87 -2.83 13.06
CA ASN A 498 35.29 -2.54 14.43
C ASN A 498 36.77 -2.21 14.43
N LEU A 499 37.10 -0.96 14.77
CA LEU A 499 38.45 -0.45 14.58
C LEU A 499 39.46 -1.02 15.58
N ALA A 500 38.99 -1.53 16.73
CA ALA A 500 39.93 -2.09 17.70
C ALA A 500 40.49 -3.42 17.20
N VAL A 501 39.62 -4.33 16.78
CA VAL A 501 40.06 -5.62 16.26
C VAL A 501 40.22 -5.61 14.75
N SER A 502 39.77 -4.56 14.06
CA SER A 502 39.91 -4.45 12.61
C SER A 502 39.13 -5.57 11.90
N LYS A 503 37.88 -5.76 12.31
CA LYS A 503 37.04 -6.81 11.77
C LYS A 503 35.69 -6.23 11.37
N LEU A 504 35.14 -6.75 10.27
CA LEU A 504 33.82 -6.36 9.81
C LEU A 504 32.75 -6.98 10.69
N GLU A 505 31.68 -6.23 10.93
CA GLU A 505 30.55 -6.70 11.70
C GLU A 505 29.27 -6.22 11.03
N THR A 506 28.17 -6.93 11.30
CA THR A 506 26.85 -6.53 10.84
C THR A 506 26.01 -6.14 12.05
N LEU A 507 25.27 -5.04 11.91
CA LEU A 507 24.56 -4.43 13.01
C LEU A 507 23.17 -4.02 12.57
N GLU A 508 22.29 -3.79 13.55
CA GLU A 508 20.99 -3.18 13.29
C GLU A 508 20.77 -2.07 14.30
N THR A 509 20.37 -0.90 13.81
CA THR A 509 20.18 0.29 14.63
C THR A 509 18.71 0.67 14.67
N TRP A 510 18.23 1.06 15.86
CA TRP A 510 16.88 1.56 16.05
C TRP A 510 16.94 3.07 16.25
N VAL A 511 16.34 3.81 15.33
CA VAL A 511 16.22 5.26 15.44
C VAL A 511 14.75 5.63 15.57
N MET A 512 14.46 6.59 16.45
CA MET A 512 13.11 7.02 16.73
C MET A 512 13.03 8.54 16.65
N PRO A 513 11.98 9.09 16.04
CA PRO A 513 11.87 10.54 15.91
C PRO A 513 11.44 11.20 17.21
N LYS A 514 12.05 12.35 17.50
CA LYS A 514 11.72 13.09 18.71
C LYS A 514 10.35 13.76 18.57
N LYS A 515 9.64 13.85 19.69
CA LYS A 515 8.34 14.50 19.71
C LYS A 515 8.52 16.00 19.52
N VAL A 516 7.73 16.57 18.62
CA VAL A 516 7.85 17.98 18.28
C VAL A 516 6.55 18.75 18.44
N PHE A 517 5.39 18.10 18.43
CA PHE A 517 4.12 18.80 18.56
C PHE A 517 3.99 19.36 19.97
N LYS A 518 3.98 20.69 20.08
CA LYS A 518 3.79 21.37 21.35
C LYS A 518 2.52 22.20 21.30
N ILE A 519 1.84 22.29 22.43
CA ILE A 519 0.63 23.11 22.54
C ILE A 519 0.94 24.35 23.36
N PHE A 526 -9.03 25.83 25.89
CA PHE A 526 -9.61 24.52 25.65
C PHE A 526 -10.19 24.43 24.24
N GLY A 527 -9.32 24.49 23.24
CA GLY A 527 -9.74 24.45 21.86
C GLY A 527 -10.06 23.04 21.40
N ARG A 528 -10.23 22.91 20.09
CA ARG A 528 -10.52 21.63 19.46
C ARG A 528 -9.29 20.93 18.91
N LEU A 529 -8.14 21.59 18.89
CA LEU A 529 -6.97 21.02 18.23
C LEU A 529 -6.40 19.86 19.03
N GLN A 530 -6.16 18.74 18.35
CA GLN A 530 -5.62 17.54 18.97
C GLN A 530 -4.22 17.19 18.51
N PHE A 531 -3.84 17.53 17.28
CA PHE A 531 -2.55 17.13 16.75
C PHE A 531 -2.30 17.88 15.45
N SER A 532 -1.01 18.07 15.15
CA SER A 532 -0.58 18.74 13.92
C SER A 532 0.67 18.03 13.40
N GLU A 533 0.74 17.86 12.08
CA GLU A 533 1.84 17.11 11.48
C GLU A 533 2.09 17.60 10.06
N VAL A 534 3.34 17.49 9.64
CA VAL A 534 3.77 17.82 8.28
C VAL A 534 4.33 16.56 7.64
N GLY A 535 3.91 16.29 6.41
CA GLY A 535 4.42 15.13 5.71
C GLY A 535 4.10 15.19 4.22
N THR A 536 4.26 14.04 3.57
CA THR A 536 3.89 13.87 2.18
C THR A 536 3.12 12.56 2.03
N ASP A 537 2.53 12.37 0.86
CA ASP A 537 1.75 11.17 0.55
C ASP A 537 0.62 10.99 1.57
N TRP A 538 -0.29 11.95 1.58
CA TRP A 538 -1.42 11.94 2.50
C TRP A 538 -2.51 11.00 1.99
N ASP A 539 -2.90 10.05 2.84
CA ASP A 539 -3.93 9.06 2.50
C ASP A 539 -5.27 9.58 3.01
N ALA A 540 -6.10 10.06 2.07
CA ALA A 540 -7.37 10.67 2.46
C ALA A 540 -8.34 9.65 3.02
N LYS A 541 -8.19 8.39 2.64
CA LYS A 541 -9.13 7.36 3.09
C LYS A 541 -8.83 6.92 4.52
N GLU A 542 -7.56 6.65 4.82
CA GLU A 542 -7.14 6.24 6.15
C GLU A 542 -6.67 7.41 7.02
N ARG A 543 -6.63 8.62 6.48
CA ARG A 543 -6.25 9.82 7.23
C ARG A 543 -4.91 9.63 7.95
N LEU A 544 -3.86 9.52 7.13
CA LEU A 544 -2.51 9.37 7.63
C LEU A 544 -1.52 9.59 6.49
N PHE A 545 -0.28 9.90 6.85
CA PHE A 545 0.80 10.03 5.88
C PHE A 545 1.45 8.67 5.64
N ARG A 546 1.52 8.27 4.37
CA ARG A 546 2.15 7.00 4.02
C ARG A 546 3.68 7.09 4.01
N ASN A 547 4.23 8.30 3.97
CA ASN A 547 5.64 8.53 4.25
C ASN A 547 5.77 8.64 5.77
N PHE A 548 5.95 7.49 6.41
CA PHE A 548 5.75 7.40 7.86
C PHE A 548 6.77 8.25 8.62
N GLY A 549 8.05 8.13 8.27
CA GLY A 549 9.09 8.85 9.00
C GLY A 549 9.11 10.34 8.78
N GLY A 550 8.36 10.84 7.80
CA GLY A 550 8.44 12.25 7.46
C GLY A 550 9.73 12.63 6.76
N LEU A 551 10.28 11.72 5.96
CA LEU A 551 11.55 11.97 5.29
C LEU A 551 11.35 12.96 4.15
N LEU A 552 12.07 14.08 4.20
CA LEU A 552 11.86 15.18 3.26
C LEU A 552 13.18 15.72 2.76
N GLY A 553 13.20 16.09 1.48
CA GLY A 553 14.34 16.75 0.88
C GLY A 553 13.98 18.12 0.34
N PRO A 554 14.96 18.81 -0.23
CA PRO A 554 14.72 20.20 -0.66
C PRO A 554 13.69 20.31 -1.78
N MET A 555 13.53 19.28 -2.60
CA MET A 555 12.61 19.33 -3.73
C MET A 555 11.24 18.73 -3.41
N ASP A 556 10.95 18.47 -2.14
CA ASP A 556 9.67 17.92 -1.74
C ASP A 556 8.68 19.03 -1.43
N GLU A 557 7.39 18.72 -1.61
CA GLU A 557 6.30 19.67 -1.39
C GLU A 557 5.53 19.26 -0.14
N PRO A 558 5.89 19.78 1.03
CA PRO A 558 5.26 19.30 2.27
C PRO A 558 3.79 19.67 2.36
N VAL A 559 3.08 18.93 3.21
CA VAL A 559 1.65 19.11 3.42
C VAL A 559 1.42 19.25 4.91
N GLY A 560 0.63 20.26 5.30
CA GLY A 560 0.29 20.49 6.68
C GLY A 560 -1.07 19.90 7.02
N MET A 561 -1.09 19.04 8.03
CA MET A 561 -2.31 18.38 8.49
C MET A 561 -2.62 18.78 9.92
N GLN A 562 -3.92 18.86 10.23
CA GLN A 562 -4.40 19.14 11.57
C GLN A 562 -5.53 18.18 11.91
N LYS A 563 -5.58 17.80 13.19
CA LYS A 563 -6.60 16.88 13.71
C LYS A 563 -7.41 17.59 14.78
N TRP A 564 -8.73 17.51 14.68
CA TRP A 564 -9.62 18.29 15.52
C TRP A 564 -10.59 17.40 16.29
N GLY A 565 -10.99 17.88 17.46
CA GLY A 565 -12.05 17.25 18.23
C GLY A 565 -13.36 18.01 18.06
N LYS A 566 -14.45 17.36 18.45
CA LYS A 566 -15.77 17.96 18.32
C LYS A 566 -15.80 19.32 18.99
N GLY A 567 -16.60 20.22 18.43
CA GLY A 567 -16.75 21.56 18.97
C GLY A 567 -17.30 22.54 17.95
N PRO A 568 -17.70 23.72 18.41
CA PRO A 568 -18.26 24.72 17.50
C PRO A 568 -17.23 25.16 16.45
N ASN A 569 -17.77 25.72 15.36
CA ASN A 569 -16.92 26.16 14.25
C ASN A 569 -15.96 27.25 14.72
N VAL A 570 -14.73 27.22 14.19
CA VAL A 570 -13.70 28.22 14.49
C VAL A 570 -12.84 28.43 13.26
N THR A 571 -12.10 29.53 13.26
CA THR A 571 -11.15 29.86 12.21
C THR A 571 -9.78 30.06 12.84
N VAL A 572 -8.75 29.52 12.18
CA VAL A 572 -7.40 29.55 12.70
C VAL A 572 -6.44 30.01 11.60
N THR A 573 -5.25 30.43 12.04
CA THR A 573 -4.21 30.91 11.15
C THR A 573 -3.03 29.95 11.18
N VAL A 574 -2.48 29.65 10.01
CA VAL A 574 -1.33 28.77 9.87
C VAL A 574 -0.15 29.58 9.35
N ILE A 575 1.03 29.33 9.91
CA ILE A 575 2.25 30.04 9.57
C ILE A 575 3.34 29.04 9.29
N TRP A 576 4.00 29.17 8.13
CA TRP A 576 5.15 28.34 7.78
C TRP A 576 6.42 29.18 7.88
N VAL A 577 7.38 28.69 8.66
CA VAL A 577 8.62 29.42 8.94
C VAL A 577 9.80 28.54 8.52
N ASP A 578 10.72 29.11 7.74
CA ASP A 578 11.85 28.33 7.24
C ASP A 578 12.99 28.37 8.25
N PRO A 579 14.10 27.67 7.99
CA PRO A 579 15.14 27.52 9.03
C PRO A 579 15.76 28.81 9.50
N VAL A 580 15.72 29.89 8.70
CA VAL A 580 16.32 31.16 9.12
C VAL A 580 15.22 32.19 9.36
N ASN A 581 14.08 31.75 9.88
CA ASN A 581 12.98 32.61 10.32
C ASN A 581 12.28 33.34 9.19
N VAL A 582 12.60 33.03 7.93
CA VAL A 582 11.86 33.62 6.81
C VAL A 582 10.47 32.98 6.76
N ILE A 583 9.44 33.82 6.82
CA ILE A 583 8.07 33.34 6.73
C ILE A 583 7.78 32.95 5.28
N ALA A 584 7.38 31.70 5.07
CA ALA A 584 7.14 31.18 3.72
C ALA A 584 5.69 31.35 3.27
N ALA A 585 4.73 31.25 4.18
CA ALA A 585 3.32 31.30 3.79
C ALA A 585 2.47 31.56 5.01
N THR A 586 1.26 32.07 4.75
CA THR A 586 0.29 32.35 5.81
C THR A 586 -1.10 32.27 5.20
N TYR A 587 -2.01 31.60 5.90
CA TYR A 587 -3.38 31.46 5.42
C TYR A 587 -4.29 31.10 6.58
N ASP A 588 -5.55 31.45 6.45
CA ASP A 588 -6.58 31.11 7.42
C ASP A 588 -7.42 29.96 6.88
N ILE A 589 -8.05 29.22 7.80
CA ILE A 589 -8.86 28.07 7.43
C ILE A 589 -10.03 27.96 8.39
N LEU A 590 -11.23 27.75 7.85
CA LEU A 590 -12.42 27.52 8.64
C LEU A 590 -12.46 26.06 9.08
N ILE A 591 -12.53 25.83 10.39
CA ILE A 591 -12.60 24.48 10.94
C ILE A 591 -14.08 24.18 11.16
N GLU A 592 -14.69 23.49 10.20
CA GLU A 592 -16.11 23.19 10.27
C GLU A 592 -16.45 22.54 11.61
N SER A 593 -17.70 22.71 12.03
CA SER A 593 -18.15 22.14 13.30
C SER A 593 -18.10 20.63 13.30
N THR A 594 -18.06 20.00 12.13
CA THR A 594 -17.99 18.55 12.02
C THR A 594 -16.63 18.05 11.57
N ALA A 595 -15.75 18.93 11.10
CA ALA A 595 -14.46 18.50 10.57
C ALA A 595 -13.65 17.75 11.62
N GLU A 596 -13.01 16.68 11.18
CA GLU A 596 -12.11 15.89 12.02
C GLU A 596 -10.65 16.01 11.63
N PHE A 597 -10.38 16.13 10.33
CA PHE A 597 -9.05 16.39 9.81
C PHE A 597 -9.12 17.51 8.79
N THR A 598 -8.06 18.32 8.73
CA THR A 598 -7.87 19.30 7.68
C THR A 598 -6.44 19.22 7.19
N HIS A 599 -6.22 19.59 5.93
CA HIS A 599 -4.88 19.55 5.37
C HIS A 599 -4.83 20.48 4.16
N TYR A 600 -3.62 20.90 3.82
CA TYR A 600 -3.41 21.83 2.72
C TYR A 600 -1.95 21.84 2.34
N LYS A 601 -1.69 21.93 1.03
CA LYS A 601 -0.32 21.94 0.50
C LYS A 601 -0.01 23.32 -0.05
N PRO A 602 0.70 24.18 0.68
CA PRO A 602 0.96 25.53 0.17
C PRO A 602 1.87 25.47 -1.05
N PRO A 603 1.67 26.37 -2.02
CA PRO A 603 2.53 26.37 -3.21
C PRO A 603 3.84 27.11 -2.98
N LEU A 604 4.88 26.38 -2.61
CA LEU A 604 6.16 26.98 -2.26
C LEU A 604 7.16 26.73 -3.38
N ASN A 605 7.79 27.80 -3.85
CA ASN A 605 8.82 27.68 -4.86
C ASN A 605 10.00 26.89 -4.30
N LEU A 606 10.58 26.06 -5.15
CA LEU A 606 11.66 25.16 -4.77
C LEU A 606 12.98 25.67 -5.31
N PRO A 607 14.12 25.23 -4.73
CA PRO A 607 14.25 24.30 -3.61
C PRO A 607 13.92 24.91 -2.25
N LEU A 608 13.47 24.07 -1.31
CA LEU A 608 13.25 24.52 0.05
C LEU A 608 14.58 24.66 0.77
N ARG A 609 14.71 25.72 1.55
CA ARG A 609 15.92 25.92 2.34
C ARG A 609 16.07 24.78 3.35
N PRO A 610 17.19 24.05 3.34
CA PRO A 610 17.30 22.92 4.27
C PRO A 610 17.50 23.38 5.71
N GLY A 611 17.01 22.55 6.63
CA GLY A 611 17.06 22.82 8.04
C GLY A 611 15.74 22.44 8.69
N VAL A 612 15.56 22.88 9.94
CA VAL A 612 14.35 22.61 10.70
C VAL A 612 13.35 23.72 10.42
N TRP A 613 12.25 23.36 9.75
CA TRP A 613 11.13 24.27 9.55
C TRP A 613 10.18 24.20 10.75
N THR A 614 9.35 25.23 10.88
CA THR A 614 8.38 25.33 11.96
C THR A 614 7.03 25.71 11.39
N VAL A 615 5.98 25.03 11.83
CA VAL A 615 4.60 25.38 11.49
C VAL A 615 3.91 25.80 12.78
N LYS A 616 3.26 26.96 12.75
CA LYS A 616 2.59 27.53 13.91
C LYS A 616 1.11 27.71 13.62
N ILE A 617 0.30 27.54 14.66
CA ILE A 617 -1.14 27.72 14.58
C ILE A 617 -1.55 28.74 15.63
N LEU A 618 -2.23 29.80 15.19
CA LEU A 618 -2.72 30.85 16.08
C LEU A 618 -4.23 30.97 15.94
N HIS A 619 -4.84 31.62 16.92
CA HIS A 619 -6.27 31.96 16.88
C HIS A 619 -6.39 33.43 17.25
N HIS A 620 -6.51 34.28 16.23
CA HIS A 620 -6.53 35.74 16.43
C HIS A 620 -5.29 36.19 17.20
N TRP A 621 -4.13 35.82 16.65
CA TRP A 621 -2.81 36.16 17.17
C TRP A 621 -2.48 35.48 18.48
N VAL A 622 -3.40 34.70 19.05
CA VAL A 622 -3.15 33.96 20.29
C VAL A 622 -2.48 32.64 19.92
N PRO A 623 -1.26 32.38 20.37
CA PRO A 623 -0.61 31.11 19.99
C PRO A 623 -1.39 29.92 20.53
N VAL A 624 -1.46 28.87 19.72
CA VAL A 624 -2.24 27.68 20.05
C VAL A 624 -1.31 26.48 20.15
N ALA A 625 -0.63 26.16 19.06
CA ALA A 625 0.24 24.99 19.02
C ALA A 625 1.27 25.22 17.92
N GLU A 626 2.25 24.32 17.87
CA GLU A 626 3.27 24.37 16.83
C GLU A 626 3.83 22.98 16.63
N THR A 627 4.42 22.77 15.44
CA THR A 627 5.13 21.54 15.13
C THR A 627 6.37 21.91 14.34
N LYS A 628 7.24 20.91 14.15
CA LYS A 628 8.48 21.08 13.42
C LYS A 628 8.67 19.92 12.45
N PHE A 629 9.41 20.18 11.38
CA PHE A 629 9.75 19.13 10.43
C PHE A 629 11.08 19.47 9.78
N LEU A 630 11.79 18.44 9.35
CA LEU A 630 13.15 18.57 8.84
C LEU A 630 13.15 18.43 7.33
N VAL A 631 13.61 19.47 6.64
CA VAL A 631 14.01 19.37 5.25
C VAL A 631 15.51 19.06 5.24
N ALA A 632 15.85 17.84 4.86
CA ALA A 632 17.23 17.42 4.98
C ALA A 632 18.04 17.77 3.73
N PRO A 633 19.28 18.22 3.88
CA PRO A 633 20.15 18.35 2.71
C PRO A 633 20.64 16.99 2.25
N LEU A 634 20.83 16.88 0.94
CA LEU A 634 21.14 15.60 0.32
C LEU A 634 22.65 15.45 0.13
N THR A 635 23.15 14.25 0.43
CA THR A 635 24.55 13.91 0.22
C THR A 635 24.78 13.11 -1.05
N PHE A 636 23.72 12.68 -1.72
CA PHE A 636 23.81 11.90 -2.95
C PHE A 636 23.05 12.61 -4.06
N SER A 637 23.57 12.49 -5.28
CA SER A 637 22.88 12.92 -6.49
C SER A 637 22.97 11.78 -7.50
N ASN A 638 21.81 11.25 -7.89
CA ASN A 638 21.76 10.06 -8.74
C ASN A 638 22.54 8.90 -8.11
N ARG A 639 22.41 8.78 -6.79
CA ARG A 639 23.07 7.75 -5.99
C ARG A 639 24.60 7.91 -5.97
N GLN A 640 25.10 9.08 -6.36
CA GLN A 640 26.53 9.35 -6.32
C GLN A 640 26.81 10.55 -5.41
N PRO A 641 27.98 10.60 -4.79
CA PRO A 641 28.30 11.74 -3.91
C PRO A 641 28.08 13.06 -4.63
N ILE A 642 27.42 13.99 -3.94
CA ILE A 642 26.98 15.22 -4.59
C ILE A 642 28.18 16.14 -4.83
N LYS A 643 28.18 16.81 -5.97
CA LYS A 643 29.29 17.65 -6.35
C LYS A 643 29.02 19.11 -5.99
N PRO A 644 30.08 19.92 -5.83
CA PRO A 644 29.89 21.30 -5.37
C PRO A 644 28.87 22.09 -6.21
N GLU A 645 28.92 21.96 -7.54
CA GLU A 645 27.98 22.70 -8.38
C GLU A 645 26.55 22.23 -8.16
N GLU A 646 26.35 20.99 -7.73
CA GLU A 646 25.02 20.48 -7.47
C GLU A 646 24.54 20.88 -6.07
N ALA A 647 25.38 20.66 -5.06
CA ALA A 647 25.01 21.08 -3.71
C ALA A 647 24.69 22.57 -3.66
N LEU A 648 25.45 23.38 -4.41
CA LEU A 648 25.23 24.81 -4.43
C LEU A 648 23.81 25.14 -4.90
N LYS A 649 23.41 24.62 -6.05
CA LYS A 649 22.11 24.96 -6.63
C LYS A 649 20.95 24.34 -5.88
N LEU A 650 21.20 23.39 -4.97
CA LEU A 650 20.13 22.66 -4.31
C LEU A 650 19.90 23.10 -2.86
N HIS A 651 20.93 23.61 -2.19
CA HIS A 651 20.88 23.84 -0.75
C HIS A 651 20.85 25.33 -0.37
N ASN A 652 20.60 26.22 -1.32
CA ASN A 652 20.70 27.66 -1.07
C ASN A 652 19.35 28.36 -1.19
N GLY A 653 18.26 27.64 -0.94
CA GLY A 653 16.94 28.25 -0.94
C GLY A 653 16.37 28.40 -2.33
N PRO A 654 15.12 28.85 -2.41
CA PRO A 654 14.45 28.91 -3.72
C PRO A 654 15.08 29.94 -4.64
N LEU A 655 14.98 29.66 -5.95
CA LEU A 655 15.51 30.55 -6.98
C LEU A 655 15.07 31.98 -6.72
N ARG A 656 13.78 32.26 -6.90
CA ARG A 656 13.23 33.53 -6.44
C ARG A 656 13.52 33.68 -4.95
N ASN A 657 13.98 34.87 -4.55
CA ASN A 657 14.43 35.09 -3.19
C ASN A 657 13.43 34.59 -2.15
N ALA A 658 12.15 34.51 -2.50
CA ALA A 658 11.10 34.09 -1.59
C ALA A 658 10.39 32.85 -2.14
N TYR A 659 9.47 32.32 -1.33
CA TYR A 659 8.76 31.09 -1.66
C TYR A 659 7.47 31.34 -2.41
N MET A 660 6.84 32.50 -2.22
CA MET A 660 5.64 32.85 -2.96
C MET A 660 5.75 34.30 -3.40
N GLU A 661 4.98 34.66 -4.43
CA GLU A 661 4.98 36.03 -4.91
C GLU A 661 4.63 37.00 -3.79
N GLN A 662 3.66 36.64 -2.96
CA GLN A 662 3.29 37.48 -1.83
C GLN A 662 4.35 37.39 -0.74
N SER A 663 4.59 38.51 -0.07
CA SER A 663 5.58 38.60 0.99
C SER A 663 4.89 38.77 2.34
N PHE A 664 5.58 38.33 3.39
CA PHE A 664 5.05 38.40 4.76
C PHE A 664 6.07 38.98 5.72
N GLN A 665 6.95 39.86 5.21
CA GLN A 665 7.96 40.48 6.07
C GLN A 665 7.33 41.34 7.15
N SER A 666 6.09 41.79 6.97
CA SER A 666 5.39 42.58 7.97
C SER A 666 5.06 41.80 9.23
N LEU A 667 5.18 40.47 9.22
CA LEU A 667 4.76 39.65 10.33
C LEU A 667 5.92 39.17 11.21
N ASN A 668 7.16 39.30 10.74
CA ASN A 668 8.30 38.88 11.57
C ASN A 668 8.32 39.61 12.90
N PRO A 669 8.17 40.94 12.97
CA PRO A 669 8.18 41.60 14.29
C PRO A 669 6.95 41.28 15.14
N VAL A 670 5.80 41.03 14.52
CA VAL A 670 4.59 40.74 15.29
C VAL A 670 4.70 39.37 15.96
N LEU A 671 5.34 38.41 15.29
CA LEU A 671 5.49 37.07 15.81
C LEU A 671 6.81 36.86 16.57
N SER A 672 7.58 37.92 16.77
CA SER A 672 8.88 37.83 17.45
C SER A 672 9.77 36.80 16.77
N LEU A 673 9.91 36.94 15.44
CA LEU A 673 10.75 36.06 14.63
C LEU A 673 11.79 36.89 13.88
N PRO A 674 12.72 37.52 14.60
CA PRO A 674 13.75 38.31 13.93
C PRO A 674 14.64 37.45 13.06
N ILE A 675 15.23 38.06 12.04
CA ILE A 675 16.08 37.37 11.08
C ILE A 675 17.52 37.78 11.38
N ASN A 676 18.26 36.90 12.03
CA ASN A 676 19.65 37.15 12.37
C ASN A 676 20.49 37.18 11.10
N PRO A 677 21.17 38.29 10.78
CA PRO A 677 22.03 38.30 9.58
C PRO A 677 23.17 37.29 9.64
N ALA A 678 23.51 36.77 10.82
CA ALA A 678 24.58 35.78 10.92
C ALA A 678 24.13 34.42 10.42
N GLN A 679 22.90 34.00 10.78
CA GLN A 679 22.37 32.73 10.30
C GLN A 679 22.29 32.71 8.78
N VAL A 680 21.76 33.78 8.18
CA VAL A 680 21.64 33.83 6.73
C VAL A 680 23.00 33.61 6.08
N GLU A 681 24.05 34.24 6.61
CA GLU A 681 25.38 34.06 6.06
C GLU A 681 25.86 32.61 6.24
N GLN A 682 25.73 32.09 7.47
CA GLN A 682 26.13 30.71 7.71
C GLN A 682 25.34 29.73 6.84
N ALA A 683 24.05 30.01 6.63
CA ALA A 683 23.26 29.16 5.74
C ALA A 683 23.83 29.20 4.32
N ARG A 684 24.29 30.37 3.88
CA ARG A 684 24.92 30.47 2.57
C ARG A 684 26.21 29.66 2.52
N ARG A 685 27.00 29.70 3.61
CA ARG A 685 28.22 28.92 3.66
C ARG A 685 27.93 27.42 3.68
N ASN A 686 26.85 27.03 4.37
CA ASN A 686 26.45 25.62 4.40
C ASN A 686 25.99 25.13 3.04
N ALA A 687 25.54 26.02 2.16
CA ALA A 687 24.98 25.60 0.88
C ALA A 687 26.06 25.13 -0.09
N ALA A 688 27.29 25.61 0.05
CA ALA A 688 28.36 25.24 -0.86
C ALA A 688 29.20 24.06 -0.37
N SER A 689 28.98 23.61 0.85
CA SER A 689 29.81 22.55 1.42
C SER A 689 29.49 21.20 0.79
N THR A 690 30.48 20.31 0.82
CA THR A 690 30.34 18.94 0.35
C THR A 690 31.14 18.03 1.26
N GLY A 691 31.13 16.74 0.95
CA GLY A 691 31.97 15.79 1.66
C GLY A 691 31.77 15.84 3.16
N THR A 692 32.88 15.91 3.90
CA THR A 692 32.82 15.87 5.35
C THR A 692 32.02 17.04 5.90
N ALA A 693 32.29 18.25 5.43
CA ALA A 693 31.57 19.43 5.91
C ALA A 693 30.07 19.25 5.76
N LEU A 694 29.63 18.67 4.64
CA LEU A 694 28.20 18.44 4.44
C LEU A 694 27.71 17.29 5.30
N GLU A 695 28.53 16.25 5.48
CA GLU A 695 28.14 15.13 6.34
C GLU A 695 27.96 15.58 7.79
N GLY A 696 28.78 16.52 8.25
CA GLY A 696 28.63 17.03 9.61
C GLY A 696 27.43 17.94 9.77
N TRP A 697 27.05 18.66 8.71
CA TRP A 697 25.86 19.50 8.75
C TRP A 697 24.59 18.66 8.78
N LEU A 698 24.53 17.62 7.94
CA LEU A 698 23.37 16.73 7.93
C LEU A 698 23.23 16.01 9.27
N ASP A 699 24.28 15.32 9.70
CA ASP A 699 24.20 14.53 10.93
C ASP A 699 23.87 15.41 12.12
N SER A 700 24.26 16.68 12.09
CA SER A 700 23.85 17.63 13.14
C SER A 700 22.34 17.82 13.14
N LEU A 701 21.74 18.03 11.96
CA LEU A 701 20.30 18.20 11.87
C LEU A 701 19.57 16.93 12.26
N VAL A 702 20.06 15.77 11.83
CA VAL A 702 19.40 14.51 12.15
C VAL A 702 19.44 14.25 13.65
N GLY A 703 20.59 14.47 14.28
CA GLY A 703 20.70 14.28 15.72
C GLY A 703 19.74 15.16 16.50
N GLY A 704 19.41 16.33 15.95
CA GLY A 704 18.47 17.21 16.61
C GLY A 704 17.02 16.82 16.48
N MET A 705 16.70 15.88 15.58
CA MET A 705 15.32 15.46 15.34
C MET A 705 15.12 13.96 15.49
N TRP A 706 16.19 13.18 15.65
CA TRP A 706 16.08 11.73 15.76
C TRP A 706 17.00 11.25 16.87
N THR A 707 16.62 10.13 17.49
CA THR A 707 17.39 9.53 18.57
C THR A 707 17.70 8.08 18.23
N ALA A 708 18.96 7.70 18.35
CA ALA A 708 19.36 6.31 18.21
C ALA A 708 19.05 5.58 19.51
N MET A 709 17.99 4.78 19.53
CA MET A 709 17.50 4.18 20.76
C MET A 709 18.38 3.02 21.22
N ASP A 710 18.92 2.25 20.28
CA ASP A 710 19.73 1.09 20.64
C ASP A 710 20.35 0.54 19.35
N ILE A 711 21.34 -0.32 19.52
CA ILE A 711 22.02 -0.96 18.40
C ILE A 711 22.49 -2.34 18.87
N CYS A 712 22.34 -3.34 18.01
CA CYS A 712 22.68 -4.71 18.34
C CYS A 712 23.54 -5.31 17.23
N ALA A 713 24.18 -6.43 17.55
CA ALA A 713 24.98 -7.18 16.59
C ALA A 713 24.23 -8.44 16.18
N THR A 714 24.28 -8.76 14.88
CA THR A 714 23.62 -9.95 14.37
C THR A 714 24.46 -11.20 14.58
N GLY A 715 25.79 -11.06 14.58
CA GLY A 715 26.68 -12.16 14.81
C GLY A 715 27.68 -11.84 15.91
N PRO A 716 28.88 -12.44 15.84
CA PRO A 716 29.89 -12.18 16.88
C PRO A 716 30.36 -10.73 16.82
N THR A 717 30.67 -10.18 17.99
CA THR A 717 31.08 -8.80 18.12
C THR A 717 32.17 -8.67 19.17
N ALA A 718 33.00 -7.64 19.00
CA ALA A 718 34.03 -7.31 19.98
C ALA A 718 33.59 -6.22 20.96
N CYS A 719 32.48 -5.53 20.68
CA CYS A 719 31.98 -4.51 21.58
C CYS A 719 31.32 -5.19 22.78
N PRO A 720 31.84 -5.03 24.00
CA PRO A 720 31.34 -5.83 25.13
C PRO A 720 29.98 -5.41 25.67
N VAL A 721 29.41 -4.30 25.24
CA VAL A 721 28.12 -3.82 25.73
C VAL A 721 27.05 -3.88 24.65
N MET A 722 27.33 -4.52 23.52
CA MET A 722 26.37 -4.62 22.44
C MET A 722 25.60 -5.93 22.56
N GLN A 723 24.28 -5.84 22.54
CA GLN A 723 23.43 -7.02 22.64
C GLN A 723 23.43 -7.79 21.32
N THR A 724 23.06 -9.06 21.40
CA THR A 724 22.79 -9.85 20.20
C THR A 724 21.36 -9.58 19.75
N CYS A 725 21.20 -9.32 18.44
CA CYS A 725 19.90 -8.86 17.94
C CYS A 725 18.79 -9.84 18.26
N SER A 726 19.06 -11.13 18.17
CA SER A 726 18.03 -12.14 18.43
C SER A 726 17.58 -12.14 19.88
N GLN A 727 18.34 -11.52 20.79
CA GLN A 727 18.02 -11.48 22.21
C GLN A 727 17.29 -10.20 22.62
N THR A 728 17.07 -9.27 21.69
CA THR A 728 16.37 -8.04 22.01
C THR A 728 14.87 -8.23 21.78
N ALA A 729 14.10 -7.19 22.12
CA ALA A 729 12.66 -7.21 21.92
C ALA A 729 12.22 -6.39 20.71
N TRP A 730 13.11 -5.58 20.14
CA TRP A 730 12.76 -4.66 19.06
C TRP A 730 13.33 -5.06 17.71
N SER A 731 14.38 -5.86 17.68
CA SER A 731 15.06 -6.17 16.43
C SER A 731 14.17 -7.01 15.51
N SER A 732 14.34 -6.78 14.21
CA SER A 732 13.65 -7.62 13.22
C SER A 732 14.18 -9.05 13.22
N PHE A 733 15.24 -9.32 13.96
CA PHE A 733 15.75 -10.67 14.16
C PHE A 733 15.21 -11.34 15.41
N SER A 734 14.43 -10.63 16.22
CA SER A 734 13.89 -11.22 17.43
C SER A 734 12.70 -12.11 17.10
N PRO A 735 12.34 -13.03 18.01
CA PRO A 735 11.27 -13.99 17.70
C PRO A 735 9.95 -13.29 17.43
N ASP A 736 9.23 -13.80 16.41
CA ASP A 736 7.91 -13.29 16.04
C ASP A 736 7.02 -14.48 15.69
N PRO A 737 6.67 -15.31 16.67
CA PRO A 737 5.99 -16.57 16.37
C PRO A 737 4.65 -16.41 15.64
N LYS A 738 3.97 -15.28 15.81
CA LYS A 738 2.65 -15.13 15.20
C LYS A 738 2.73 -15.09 13.68
N SER A 739 3.90 -14.81 13.11
CA SER A 739 4.07 -14.78 11.66
C SER A 739 5.06 -15.82 11.18
N GLU A 740 5.51 -16.70 12.06
CA GLU A 740 6.45 -17.75 11.69
C GLU A 740 5.71 -19.03 11.32
N LEU A 741 6.20 -19.70 10.28
CA LEU A 741 5.53 -20.85 9.69
C LEU A 741 6.41 -22.08 9.91
N GLY A 742 5.94 -22.99 10.76
CA GLY A 742 6.72 -24.17 11.10
C GLY A 742 6.18 -25.43 10.46
N ALA A 743 6.29 -26.55 11.18
CA ALA A 743 5.90 -27.84 10.64
C ALA A 743 4.39 -28.04 10.77
N VAL A 744 3.85 -28.84 9.85
CA VAL A 744 2.43 -29.14 9.85
C VAL A 744 2.10 -30.05 11.04
N LYS A 745 1.03 -29.73 11.74
CA LYS A 745 0.64 -30.45 12.94
C LYS A 745 -0.25 -31.63 12.60
N PRO A 746 -0.45 -32.54 13.56
CA PRO A 746 -1.27 -33.74 13.27
C PRO A 746 -2.67 -33.43 12.78
N ASP A 747 -3.24 -32.27 13.11
CA ASP A 747 -4.57 -31.90 12.64
C ASP A 747 -4.55 -31.23 11.27
N GLY A 748 -3.38 -31.17 10.62
CA GLY A 748 -3.26 -30.56 9.32
C GLY A 748 -3.11 -29.05 9.34
N ARG A 749 -3.03 -28.44 10.52
CA ARG A 749 -3.01 -27.00 10.66
C ARG A 749 -1.59 -26.51 10.96
N LEU A 750 -1.38 -25.21 10.74
CA LEU A 750 -0.17 -24.52 11.19
C LEU A 750 -0.44 -23.65 12.41
N ARG A 751 -1.63 -23.08 12.52
CA ARG A 751 -1.98 -22.20 13.61
C ARG A 751 -2.31 -22.99 14.88
N ALA B 2 -24.50 -3.57 2.14
CA ALA B 2 -23.62 -2.58 1.52
C ALA B 2 -23.52 -2.79 0.02
N ALA B 3 -23.44 -1.69 -0.73
CA ALA B 3 -23.40 -1.74 -2.18
C ALA B 3 -22.02 -2.16 -2.66
N GLU B 4 -21.98 -2.75 -3.86
CA GLU B 4 -20.73 -3.21 -4.47
C GLU B 4 -20.49 -2.45 -5.77
N GLY B 5 -19.27 -2.57 -6.26
CA GLY B 5 -18.82 -1.81 -7.41
C GLY B 5 -17.81 -0.74 -7.01
N SER B 6 -16.65 -0.72 -7.66
CA SER B 6 -15.57 0.19 -7.31
C SER B 6 -15.45 1.38 -8.25
N GLY B 7 -16.36 1.53 -9.21
CA GLY B 7 -16.24 2.55 -10.24
C GLY B 7 -17.10 3.77 -9.96
N GLU B 8 -16.51 4.95 -10.18
CA GLU B 8 -17.22 6.22 -10.14
C GLU B 8 -16.91 6.97 -11.43
N GLN B 9 -17.90 7.75 -11.89
CA GLN B 9 -17.85 8.27 -13.25
C GLN B 9 -16.80 9.37 -13.40
N ASP B 10 -16.22 9.44 -14.59
CA ASP B 10 -15.25 10.48 -14.96
C ASP B 10 -14.17 10.67 -13.89
P PO4 C . -7.87 -3.21 -2.93
O1 PO4 C . -8.17 -4.16 -4.06
O2 PO4 C . -6.73 -2.30 -3.32
O3 PO4 C . -7.48 -4.00 -1.70
O4 PO4 C . -9.11 -2.39 -2.66
NA NA D . 5.78 -26.30 -3.04
#